data_4ZM5
#
_entry.id   4ZM5
#
_cell.length_a   80.570
_cell.length_b   62.460
_cell.length_c   90.240
_cell.angle_alpha   90.00
_cell.angle_beta   94.06
_cell.angle_gamma   90.00
#
_symmetry.space_group_name_H-M   'P 1 21 1'
#
loop_
_entity.id
_entity.type
_entity.pdbx_description
1 polymer 'Chain length determinant protein'
2 non-polymer 'CHLORIDE ION'
3 non-polymer 'MAGNESIUM ION'
4 water water
#
_entity_poly.entity_id   1
_entity_poly.type   'polypeptide(L)'
_entity_poly.pdbx_seq_one_letter_code
;SNAEKWTSTAIITQPDVGQIAGYNNAMNVIYGQAAPKVSDLQETLIGRFSSAFSALPETLDNQEEPEKLTIEPSVKNQQL
PLTVSYVGQTAEGAQMKLAQYIQQVDDKVNQELEKDLKDNIALGRKNLQDSLRTQEVVAQEQKDLRIRQIQEALQYANQA
QVTKPQVQQTEDVTQDTLFLLGSEALESMIKHEATRPLVFSPNYYQTRQNLLDIEKLKFDDLDIHAYRYVMKPTLPIRRD
SPK
;
_entity_poly.pdbx_strand_id   A,B,C
#
loop_
_chem_comp.id
_chem_comp.type
_chem_comp.name
_chem_comp.formula
CL non-polymer 'CHLORIDE ION' 'Cl -1'
MG non-polymer 'MAGNESIUM ION' 'Mg 2'
#
# COMPACT_ATOMS: atom_id res chain seq x y z
N GLU A 4 -25.06 6.63 53.00
CA GLU A 4 -23.71 7.16 52.89
C GLU A 4 -23.16 7.02 51.45
N LYS A 5 -22.74 5.78 51.08
CA LYS A 5 -22.12 5.40 49.80
C LYS A 5 -22.77 4.11 49.30
N TRP A 6 -23.27 4.09 48.03
CA TRP A 6 -23.98 2.94 47.42
C TRP A 6 -23.39 2.59 46.05
N THR A 7 -22.98 1.34 45.81
CA THR A 7 -22.35 1.03 44.53
C THR A 7 -23.33 0.37 43.54
N SER A 8 -23.49 1.00 42.39
CA SER A 8 -24.26 0.48 41.26
C SER A 8 -23.26 -0.02 40.23
N THR A 9 -23.53 -1.20 39.67
CA THR A 9 -22.63 -1.79 38.69
C THR A 9 -23.38 -2.11 37.40
N ALA A 10 -22.69 -1.98 36.26
CA ALA A 10 -23.16 -2.33 34.93
C ALA A 10 -22.02 -2.97 34.15
N ILE A 11 -22.37 -3.84 33.20
CA ILE A 11 -21.39 -4.48 32.34
C ILE A 11 -21.79 -4.17 30.92
N ILE A 12 -20.88 -3.57 30.16
CA ILE A 12 -21.12 -3.25 28.74
C ILE A 12 -20.07 -3.95 27.89
N THR A 13 -20.39 -4.16 26.61
CA THR A 13 -19.49 -4.78 25.63
C THR A 13 -19.77 -4.18 24.25
N GLN A 14 -19.07 -4.68 23.20
CA GLN A 14 -19.23 -4.26 21.82
C GLN A 14 -20.69 -4.46 21.34
N PRO A 15 -21.16 -3.64 20.36
CA PRO A 15 -22.54 -3.84 19.86
C PRO A 15 -22.61 -5.17 19.11
N ASP A 16 -23.80 -5.79 19.09
CA ASP A 16 -23.95 -7.06 18.42
C ASP A 16 -24.05 -6.81 16.90
N VAL A 17 -24.11 -7.88 16.10
CA VAL A 17 -24.15 -7.84 14.62
C VAL A 17 -25.44 -7.18 14.06
N GLY A 18 -26.55 -7.26 14.79
CA GLY A 18 -27.84 -6.67 14.45
C GLY A 18 -27.88 -5.17 14.68
N GLN A 19 -27.27 -4.71 15.79
CA GLN A 19 -27.17 -3.30 16.16
C GLN A 19 -26.27 -2.52 15.19
N ILE A 20 -25.34 -3.24 14.55
CA ILE A 20 -24.29 -2.72 13.69
C ILE A 20 -24.59 -2.82 12.17
N ALA A 21 -25.55 -3.68 11.77
CA ALA A 21 -25.95 -3.98 10.38
C ALA A 21 -25.96 -2.74 9.44
N GLY A 22 -26.56 -1.64 9.89
CA GLY A 22 -26.68 -0.39 9.15
C GLY A 22 -25.36 0.33 8.89
N TYR A 23 -24.52 0.45 9.94
CA TYR A 23 -23.19 1.07 9.86
C TYR A 23 -22.29 0.21 8.98
N ASN A 24 -22.41 -1.13 9.11
CA ASN A 24 -21.64 -2.06 8.29
C ASN A 24 -22.11 -1.96 6.82
N ASN A 25 -23.43 -1.74 6.58
CA ASN A 25 -23.98 -1.58 5.23
C ASN A 25 -23.51 -0.28 4.57
N ALA A 26 -23.37 0.81 5.36
CA ALA A 26 -22.87 2.12 4.93
C ALA A 26 -21.38 2.01 4.58
N MET A 27 -20.60 1.29 5.40
CA MET A 27 -19.15 1.09 5.18
C MET A 27 -18.88 0.26 3.94
N ASN A 28 -19.80 -0.65 3.59
CA ASN A 28 -19.65 -1.48 2.39
C ASN A 28 -19.98 -0.65 1.15
N VAL A 29 -20.92 0.33 1.26
CA VAL A 29 -21.24 1.27 0.18
C VAL A 29 -20.01 2.16 -0.08
N ILE A 30 -19.34 2.63 0.99
CA ILE A 30 -18.18 3.52 0.90
C ILE A 30 -16.92 2.81 0.37
N TYR A 31 -16.56 1.66 0.92
CA TYR A 31 -15.29 1.02 0.58
C TYR A 31 -15.35 -0.27 -0.24
N GLY A 32 -16.56 -0.80 -0.48
CA GLY A 32 -16.74 -2.03 -1.25
C GLY A 32 -16.14 -3.25 -0.56
N GLN A 33 -15.16 -3.87 -1.22
CA GLN A 33 -14.44 -5.04 -0.70
C GLN A 33 -13.39 -4.62 0.33
N ALA A 34 -12.87 -3.38 0.21
CA ALA A 34 -11.86 -2.81 1.12
C ALA A 34 -12.46 -2.46 2.50
N ALA A 35 -13.80 -2.58 2.65
CA ALA A 35 -14.54 -2.29 3.89
C ALA A 35 -14.11 -3.22 5.03
N PRO A 36 -14.00 -2.69 6.28
CA PRO A 36 -13.57 -3.53 7.40
C PRO A 36 -14.56 -4.65 7.71
N LYS A 37 -14.03 -5.79 8.19
CA LYS A 37 -14.83 -6.95 8.62
C LYS A 37 -15.81 -6.52 9.73
N VAL A 38 -17.01 -7.12 9.79
CA VAL A 38 -18.06 -6.79 10.78
C VAL A 38 -17.47 -6.80 12.23
N SER A 39 -16.59 -7.78 12.56
CA SER A 39 -15.97 -7.91 13.88
C SER A 39 -15.01 -6.74 14.17
N ASP A 40 -14.34 -6.19 13.14
CA ASP A 40 -13.45 -5.04 13.27
C ASP A 40 -14.26 -3.76 13.54
N LEU A 41 -15.46 -3.62 12.92
CA LEU A 41 -16.34 -2.48 13.13
C LEU A 41 -16.89 -2.46 14.55
N GLN A 42 -17.26 -3.65 15.07
CA GLN A 42 -17.73 -3.86 16.44
C GLN A 42 -16.72 -3.35 17.46
N GLU A 43 -15.43 -3.71 17.25
CA GLU A 43 -14.29 -3.33 18.10
C GLU A 43 -13.99 -1.86 18.00
N THR A 44 -14.17 -1.30 16.80
CA THR A 44 -13.95 0.12 16.53
C THR A 44 -14.98 0.95 17.34
N LEU A 45 -16.27 0.52 17.34
CA LEU A 45 -17.38 1.19 18.01
C LEU A 45 -17.26 1.13 19.51
N ILE A 46 -16.87 -0.03 20.07
CA ILE A 46 -16.70 -0.19 21.51
C ILE A 46 -15.44 0.56 21.95
N GLY A 47 -14.43 0.62 21.06
CA GLY A 47 -13.17 1.32 21.30
C GLY A 47 -13.45 2.80 21.46
N ARG A 48 -14.30 3.34 20.60
CA ARG A 48 -14.69 4.74 20.65
C ARG A 48 -15.54 5.04 21.91
N PHE A 49 -16.42 4.09 22.33
CA PHE A 49 -17.26 4.26 23.52
C PHE A 49 -16.40 4.26 24.77
N SER A 50 -15.56 3.21 24.96
CA SER A 50 -14.70 3.08 26.13
C SER A 50 -13.71 4.23 26.26
N SER A 51 -13.17 4.75 25.14
CA SER A 51 -12.26 5.90 25.15
C SER A 51 -12.94 7.14 25.71
N ALA A 52 -14.15 7.46 25.24
CA ALA A 52 -14.95 8.59 25.74
C ALA A 52 -15.26 8.42 27.22
N PHE A 53 -15.74 7.23 27.60
CA PHE A 53 -16.08 6.87 28.98
C PHE A 53 -14.88 7.03 29.92
N SER A 54 -13.66 6.69 29.45
CA SER A 54 -12.43 6.69 30.25
C SER A 54 -12.05 8.11 30.76
N ALA A 55 -12.74 9.16 30.29
CA ALA A 55 -12.50 10.54 30.75
C ALA A 55 -13.27 10.84 32.06
N LEU A 56 -14.46 10.24 32.21
CA LEU A 56 -15.38 10.41 33.33
C LEU A 56 -14.74 10.05 34.69
N PRO A 57 -14.07 8.88 34.90
CA PRO A 57 -13.44 8.63 36.21
C PRO A 57 -12.54 9.77 36.67
N GLU A 58 -11.73 10.31 35.73
CA GLU A 58 -10.80 11.42 35.97
C GLU A 58 -11.51 12.74 36.27
N THR A 59 -12.49 13.10 35.43
CA THR A 59 -13.23 14.36 35.52
C THR A 59 -14.15 14.39 36.76
N LEU A 60 -14.81 13.27 37.07
CA LEU A 60 -15.72 13.18 38.22
C LEU A 60 -14.95 13.29 39.57
N ASP A 61 -13.69 12.85 39.59
CA ASP A 61 -12.82 12.94 40.76
C ASP A 61 -12.29 14.38 40.95
N ASN A 62 -12.00 15.07 39.84
CA ASN A 62 -11.45 16.42 39.87
C ASN A 62 -12.58 17.49 39.91
N GLN A 63 -13.48 17.32 40.88
CA GLN A 63 -14.61 18.20 41.16
C GLN A 63 -14.52 18.70 42.61
N GLU A 64 -15.27 19.79 42.95
CA GLU A 64 -15.37 20.30 44.32
C GLU A 64 -15.84 19.16 45.25
N GLU A 65 -16.94 18.49 44.86
CA GLU A 65 -17.49 17.28 45.51
C GLU A 65 -17.11 16.06 44.63
N PRO A 66 -16.02 15.31 44.94
CA PRO A 66 -15.61 14.21 44.04
C PRO A 66 -16.60 13.04 43.98
N GLU A 67 -16.75 12.50 42.77
CA GLU A 67 -17.60 11.34 42.52
C GLU A 67 -16.72 10.14 42.14
N LYS A 68 -17.10 8.92 42.52
CA LYS A 68 -16.28 7.77 42.17
C LYS A 68 -16.95 6.91 41.10
N LEU A 69 -16.37 6.92 39.91
CA LEU A 69 -16.79 6.13 38.77
C LEU A 69 -15.60 5.34 38.30
N THR A 70 -15.74 4.02 38.07
CA THR A 70 -14.62 3.18 37.63
C THR A 70 -15.01 2.34 36.43
N ILE A 71 -14.02 2.08 35.51
CA ILE A 71 -14.06 1.21 34.30
C ILE A 71 -12.93 0.19 34.41
N GLU A 72 -13.27 -1.09 34.31
CA GLU A 72 -12.31 -2.19 34.38
C GLU A 72 -12.77 -3.35 33.50
N PRO A 73 -11.86 -4.21 32.99
CA PRO A 73 -12.35 -5.41 32.27
C PRO A 73 -13.05 -6.36 33.26
N SER A 74 -14.18 -6.94 32.87
CA SER A 74 -14.95 -7.86 33.70
C SER A 74 -14.24 -9.22 33.87
N VAL A 75 -13.47 -9.64 32.84
CA VAL A 75 -12.78 -10.95 32.75
C VAL A 75 -11.25 -10.75 32.77
N LYS A 76 -10.54 -11.46 33.67
CA LYS A 76 -9.08 -11.38 33.93
C LYS A 76 -8.19 -11.20 32.68
N ASN A 77 -8.32 -12.06 31.67
CA ASN A 77 -7.46 -11.85 30.50
C ASN A 77 -8.27 -11.62 29.21
N GLN A 78 -9.31 -10.78 29.31
CA GLN A 78 -10.13 -10.43 28.16
C GLN A 78 -10.28 -8.93 28.04
N GLN A 79 -10.18 -8.40 26.80
CA GLN A 79 -10.37 -6.98 26.51
C GLN A 79 -11.81 -6.58 26.87
N LEU A 80 -12.77 -7.45 26.51
CA LEU A 80 -14.20 -7.28 26.71
C LEU A 80 -14.81 -8.46 27.50
N PRO A 81 -15.87 -8.23 28.30
CA PRO A 81 -16.63 -6.97 28.48
C PRO A 81 -16.01 -6.04 29.51
N LEU A 82 -16.62 -4.85 29.68
CA LEU A 82 -16.15 -3.86 30.65
C LEU A 82 -17.17 -3.65 31.73
N THR A 83 -16.68 -3.59 32.98
CA THR A 83 -17.47 -3.36 34.18
C THR A 83 -17.37 -1.86 34.56
N VAL A 84 -18.52 -1.19 34.62
CA VAL A 84 -18.60 0.20 35.04
C VAL A 84 -19.27 0.26 36.43
N SER A 85 -18.66 0.95 37.38
CA SER A 85 -19.19 1.12 38.74
C SER A 85 -19.31 2.59 39.13
N TYR A 86 -20.42 2.95 39.79
CA TYR A 86 -20.68 4.30 40.30
C TYR A 86 -21.04 4.22 41.77
N VAL A 87 -20.42 5.09 42.57
CA VAL A 87 -20.72 5.21 44.01
C VAL A 87 -21.64 6.41 44.21
N GLY A 88 -22.89 6.13 44.59
CA GLY A 88 -23.89 7.15 44.86
C GLY A 88 -24.17 7.38 46.33
N GLN A 89 -25.05 8.34 46.62
CA GLN A 89 -25.42 8.74 47.98
C GLN A 89 -26.63 7.94 48.48
N THR A 90 -27.56 7.57 47.57
CA THR A 90 -28.77 6.78 47.79
C THR A 90 -28.72 5.54 46.88
N ALA A 91 -29.55 4.53 47.17
CA ALA A 91 -29.59 3.31 46.37
C ALA A 91 -30.14 3.60 44.96
N GLU A 92 -31.29 4.32 44.90
CA GLU A 92 -31.98 4.72 43.66
C GLU A 92 -31.08 5.66 42.83
N GLY A 93 -30.33 6.50 43.53
CA GLY A 93 -29.46 7.50 42.96
C GLY A 93 -28.25 6.95 42.25
N ALA A 94 -27.56 5.98 42.90
CA ALA A 94 -26.37 5.31 42.34
C ALA A 94 -26.70 4.68 41.00
N GLN A 95 -27.84 3.96 40.94
CA GLN A 95 -28.31 3.27 39.75
C GLN A 95 -28.69 4.26 38.65
N MET A 96 -29.51 5.26 39.00
CA MET A 96 -29.96 6.35 38.14
C MET A 96 -28.76 7.08 37.51
N LYS A 97 -27.79 7.52 38.35
CA LYS A 97 -26.62 8.27 37.89
C LYS A 97 -25.73 7.41 36.99
N LEU A 98 -25.60 6.09 37.28
CA LEU A 98 -24.79 5.23 36.42
C LEU A 98 -25.41 5.16 35.02
N ALA A 99 -26.72 4.86 34.94
CA ALA A 99 -27.46 4.78 33.66
C ALA A 99 -27.38 6.12 32.89
N GLN A 100 -27.49 7.27 33.61
CA GLN A 100 -27.38 8.61 33.03
C GLN A 100 -25.99 8.85 32.45
N TYR A 101 -24.91 8.47 33.16
CA TYR A 101 -23.54 8.64 32.68
C TYR A 101 -23.28 7.76 31.46
N ILE A 102 -23.88 6.55 31.40
CA ILE A 102 -23.76 5.65 30.23
C ILE A 102 -24.46 6.31 29.03
N GLN A 103 -25.64 6.93 29.25
CA GLN A 103 -26.44 7.63 28.22
C GLN A 103 -25.71 8.88 27.72
N GLN A 104 -25.09 9.63 28.64
CA GLN A 104 -24.32 10.84 28.38
C GLN A 104 -23.17 10.54 27.42
N VAL A 105 -22.41 9.44 27.69
CA VAL A 105 -21.29 8.96 26.88
C VAL A 105 -21.84 8.52 25.53
N ASP A 106 -22.97 7.76 25.54
CA ASP A 106 -23.64 7.26 24.34
C ASP A 106 -24.00 8.44 23.40
N ASP A 107 -24.45 9.58 23.95
CA ASP A 107 -24.79 10.79 23.16
C ASP A 107 -23.53 11.46 22.56
N LYS A 108 -22.45 11.56 23.34
CA LYS A 108 -21.18 12.16 22.87
C LYS A 108 -20.59 11.30 21.72
N VAL A 109 -20.65 9.96 21.88
CA VAL A 109 -20.13 8.97 20.92
C VAL A 109 -20.98 8.98 19.67
N ASN A 110 -22.29 9.16 19.79
CA ASN A 110 -23.18 9.26 18.63
C ASN A 110 -22.79 10.48 17.77
N GLN A 111 -22.40 11.59 18.42
CA GLN A 111 -21.95 12.79 17.71
C GLN A 111 -20.60 12.56 17.02
N GLU A 112 -19.68 11.87 17.72
CA GLU A 112 -18.36 11.50 17.20
C GLU A 112 -18.48 10.57 15.99
N LEU A 113 -19.48 9.67 16.03
CA LEU A 113 -19.80 8.71 14.96
C LEU A 113 -20.39 9.39 13.75
N GLU A 114 -21.16 10.46 13.96
CA GLU A 114 -21.77 11.25 12.89
C GLU A 114 -20.63 11.92 12.09
N LYS A 115 -19.64 12.50 12.81
CA LYS A 115 -18.44 13.11 12.22
C LYS A 115 -17.56 12.04 11.53
N ASP A 116 -17.44 10.85 12.15
CA ASP A 116 -16.68 9.72 11.60
C ASP A 116 -17.27 9.22 10.26
N LEU A 117 -18.61 9.10 10.20
CA LEU A 117 -19.30 8.70 8.98
C LEU A 117 -19.04 9.69 7.86
N LYS A 118 -19.10 11.01 8.13
CA LYS A 118 -18.87 11.99 7.09
C LYS A 118 -17.37 12.01 6.66
N ASP A 119 -16.44 11.73 7.59
CA ASP A 119 -15.01 11.66 7.30
C ASP A 119 -14.70 10.46 6.39
N ASN A 120 -15.38 9.32 6.65
CA ASN A 120 -15.26 8.10 5.85
C ASN A 120 -15.91 8.29 4.48
N ILE A 121 -17.03 9.03 4.41
CA ILE A 121 -17.72 9.34 3.16
C ILE A 121 -16.79 10.21 2.31
N ALA A 122 -16.09 11.19 2.92
CA ALA A 122 -15.14 12.07 2.24
C ALA A 122 -13.94 11.29 1.67
N LEU A 123 -13.44 10.30 2.44
CA LEU A 123 -12.32 9.43 2.05
C LEU A 123 -12.73 8.49 0.90
N GLY A 124 -13.91 7.89 0.99
CA GLY A 124 -14.47 7.04 -0.05
C GLY A 124 -14.77 7.82 -1.31
N ARG A 125 -15.19 9.11 -1.18
CA ARG A 125 -15.47 10.01 -2.31
C ARG A 125 -14.17 10.21 -3.09
N LYS A 126 -13.11 10.65 -2.36
CA LYS A 126 -11.76 10.93 -2.84
C LYS A 126 -11.21 9.75 -3.59
N ASN A 127 -11.36 8.52 -3.06
CA ASN A 127 -10.82 7.31 -3.72
C ASN A 127 -11.53 7.01 -5.05
N LEU A 128 -12.86 7.17 -5.09
CA LEU A 128 -13.67 6.95 -6.32
C LEU A 128 -13.44 8.05 -7.38
N GLN A 129 -13.28 9.32 -6.95
CA GLN A 129 -12.99 10.44 -7.84
C GLN A 129 -11.56 10.32 -8.41
N ASP A 130 -10.61 9.81 -7.61
CA ASP A 130 -9.23 9.54 -8.03
C ASP A 130 -9.19 8.41 -9.07
N SER A 131 -10.03 7.38 -8.85
CA SER A 131 -10.20 6.23 -9.75
C SER A 131 -10.78 6.68 -11.09
N LEU A 132 -11.83 7.54 -11.09
CA LEU A 132 -12.41 8.07 -12.32
C LEU A 132 -11.38 8.88 -13.09
N ARG A 133 -10.56 9.68 -12.38
CA ARG A 133 -9.53 10.53 -12.98
C ARG A 133 -8.44 9.68 -13.67
N THR A 134 -8.01 8.54 -13.10
CA THR A 134 -6.96 7.72 -13.74
C THR A 134 -7.54 6.97 -14.94
N GLN A 135 -8.81 6.51 -14.84
CA GLN A 135 -9.49 5.86 -15.96
C GLN A 135 -9.65 6.84 -17.12
N GLU A 136 -9.81 8.15 -16.77
CA GLU A 136 -9.89 9.24 -17.72
C GLU A 136 -8.52 9.45 -18.38
N VAL A 137 -7.41 9.42 -17.58
CA VAL A 137 -6.04 9.58 -18.08
C VAL A 137 -5.72 8.44 -19.08
N VAL A 138 -6.02 7.18 -18.68
CA VAL A 138 -5.81 5.97 -19.50
C VAL A 138 -6.58 6.09 -20.82
N ALA A 139 -7.90 6.43 -20.77
CA ALA A 139 -8.76 6.56 -21.96
C ALA A 139 -8.24 7.63 -22.93
N GLN A 140 -7.61 8.70 -22.39
CA GLN A 140 -7.05 9.80 -23.19
C GLN A 140 -5.75 9.34 -23.85
N GLU A 141 -4.88 8.62 -23.09
CA GLU A 141 -3.61 8.11 -23.59
C GLU A 141 -3.84 7.07 -24.69
N GLN A 142 -4.90 6.26 -24.55
CA GLN A 142 -5.30 5.27 -25.55
C GLN A 142 -5.78 5.98 -26.81
N LYS A 143 -6.60 7.05 -26.66
CA LYS A 143 -7.07 7.87 -27.80
C LYS A 143 -5.86 8.52 -28.49
N ASP A 144 -4.91 9.07 -27.69
CA ASP A 144 -3.70 9.73 -28.19
C ASP A 144 -2.81 8.77 -29.02
N LEU A 145 -2.69 7.50 -28.59
CA LEU A 145 -1.91 6.45 -29.28
C LEU A 145 -2.57 6.04 -30.62
N ARG A 146 -3.89 5.81 -30.59
CA ARG A 146 -4.69 5.43 -31.75
C ARG A 146 -4.54 6.47 -32.87
N ILE A 147 -4.62 7.79 -32.56
CA ILE A 147 -4.44 8.91 -33.52
C ILE A 147 -3.03 8.86 -34.15
N ARG A 148 -1.99 8.53 -33.34
CA ARG A 148 -0.60 8.42 -33.81
C ARG A 148 -0.42 7.22 -34.76
N GLN A 149 -1.05 6.06 -34.44
CA GLN A 149 -1.00 4.84 -35.26
C GLN A 149 -1.65 5.06 -36.62
N ILE A 150 -2.80 5.77 -36.65
CA ILE A 150 -3.52 6.16 -37.88
C ILE A 150 -2.63 7.16 -38.65
N GLN A 151 -1.96 8.10 -37.96
CA GLN A 151 -1.04 9.07 -38.60
C GLN A 151 0.15 8.36 -39.26
N GLU A 152 0.67 7.30 -38.64
CA GLU A 152 1.77 6.52 -39.19
C GLU A 152 1.31 5.74 -40.41
N ALA A 153 0.11 5.12 -40.34
CA ALA A 153 -0.51 4.35 -41.42
C ALA A 153 -0.80 5.21 -42.64
N LEU A 154 -1.13 6.49 -42.40
CA LEU A 154 -1.41 7.46 -43.45
C LEU A 154 -0.13 7.71 -44.26
N GLN A 155 1.06 7.67 -43.59
CA GLN A 155 2.33 7.84 -44.31
C GLN A 155 2.57 6.63 -45.24
N TYR A 156 2.25 5.40 -44.78
CA TYR A 156 2.39 4.16 -45.57
C TYR A 156 1.41 4.15 -46.77
N ALA A 157 0.15 4.60 -46.53
CA ALA A 157 -0.91 4.69 -47.56
C ALA A 157 -0.53 5.67 -48.63
N ASN A 158 0.11 6.80 -48.26
CA ASN A 158 0.53 7.80 -49.21
C ASN A 158 1.66 7.26 -50.11
N GLN A 159 2.30 6.12 -49.73
CA GLN A 159 3.32 5.53 -50.60
C GLN A 159 2.75 4.48 -51.64
N ALA A 160 1.38 4.42 -51.83
CA ALA A 160 0.62 3.60 -52.84
C ALA A 160 -0.93 3.84 -52.85
N GLN A 161 -1.60 3.58 -51.71
CA GLN A 161 -3.06 3.59 -51.45
C GLN A 161 -3.74 4.98 -51.39
N VAL A 162 -5.04 5.00 -51.77
CA VAL A 162 -5.93 6.18 -51.77
C VAL A 162 -7.31 5.76 -51.18
N THR A 163 -7.83 4.56 -51.59
CA THR A 163 -9.09 3.97 -51.14
C THR A 163 -8.81 2.61 -50.44
N GLU A 171 -13.06 -4.71 -40.56
CA GLU A 171 -13.47 -3.93 -39.39
C GLU A 171 -12.33 -3.90 -38.34
N ASP A 172 -11.73 -5.08 -38.04
CA ASP A 172 -10.63 -5.23 -37.08
C ASP A 172 -9.31 -5.02 -37.83
N VAL A 173 -8.59 -3.93 -37.48
CA VAL A 173 -7.34 -3.51 -38.11
C VAL A 173 -6.17 -3.45 -37.10
N THR A 174 -4.92 -3.46 -37.61
CA THR A 174 -3.72 -3.37 -36.78
C THR A 174 -2.85 -2.24 -37.30
N GLN A 175 -1.75 -1.91 -36.58
CA GLN A 175 -0.81 -0.87 -37.02
C GLN A 175 -0.32 -1.17 -38.45
N ASP A 176 -0.09 -2.47 -38.76
CA ASP A 176 0.42 -2.92 -40.06
C ASP A 176 -0.66 -3.03 -41.16
N THR A 177 -1.95 -3.18 -40.81
CA THR A 177 -2.97 -3.35 -41.84
C THR A 177 -3.86 -2.11 -42.00
N LEU A 178 -3.66 -1.04 -41.21
CA LEU A 178 -4.45 0.19 -41.26
C LEU A 178 -4.31 0.91 -42.59
N PHE A 179 -3.09 0.94 -43.16
CA PHE A 179 -2.77 1.63 -44.42
C PHE A 179 -3.68 1.14 -45.57
N LEU A 180 -4.18 -0.12 -45.46
CA LEU A 180 -5.04 -0.77 -46.46
C LEU A 180 -6.41 -0.13 -46.57
N LEU A 181 -6.79 0.72 -45.59
CA LEU A 181 -8.07 1.44 -45.57
C LEU A 181 -8.04 2.63 -46.54
N GLY A 182 -6.86 3.00 -47.00
CA GLY A 182 -6.64 4.09 -47.94
C GLY A 182 -6.42 5.41 -47.24
N SER A 183 -5.61 6.30 -47.84
CA SER A 183 -5.27 7.62 -47.28
C SER A 183 -6.50 8.50 -47.04
N GLU A 184 -7.54 8.39 -47.89
CA GLU A 184 -8.78 9.17 -47.79
C GLU A 184 -9.52 8.87 -46.50
N ALA A 185 -9.70 7.56 -46.20
CA ALA A 185 -10.36 7.06 -45.00
C ALA A 185 -9.56 7.43 -43.76
N LEU A 186 -8.23 7.25 -43.83
CA LEU A 186 -7.30 7.53 -42.74
C LEU A 186 -7.27 9.02 -42.34
N GLU A 187 -7.28 9.93 -43.35
CA GLU A 187 -7.32 11.37 -43.11
C GLU A 187 -8.63 11.74 -42.35
N SER A 188 -9.75 11.13 -42.78
CA SER A 188 -11.06 11.29 -42.17
C SER A 188 -11.06 10.83 -40.72
N MET A 189 -10.37 9.72 -40.41
CA MET A 189 -10.26 9.20 -39.05
C MET A 189 -9.52 10.18 -38.15
N ILE A 190 -8.46 10.83 -38.68
CA ILE A 190 -7.67 11.82 -37.95
C ILE A 190 -8.58 13.01 -37.60
N LYS A 191 -9.63 13.28 -38.42
CA LYS A 191 -10.64 14.30 -38.11
C LYS A 191 -11.71 13.72 -37.15
N HIS A 192 -12.22 12.49 -37.44
CA HIS A 192 -13.27 11.78 -36.69
C HIS A 192 -12.83 11.36 -35.28
N GLU A 193 -11.90 10.39 -35.16
CA GLU A 193 -11.40 9.85 -33.89
C GLU A 193 -10.97 10.98 -32.91
N ALA A 194 -10.46 12.12 -33.44
CA ALA A 194 -10.05 13.28 -32.65
C ALA A 194 -11.27 13.98 -31.98
N THR A 195 -12.49 13.87 -32.57
CA THR A 195 -13.72 14.43 -31.99
C THR A 195 -14.50 13.32 -31.26
N ARG A 196 -14.14 12.05 -31.56
CA ARG A 196 -14.79 10.88 -30.95
C ARG A 196 -14.53 10.85 -29.45
N PRO A 197 -15.65 10.83 -28.69
CA PRO A 197 -15.58 10.73 -27.23
C PRO A 197 -14.71 9.58 -26.76
N LEU A 198 -14.25 9.70 -25.51
CA LEU A 198 -13.40 8.74 -24.85
C LEU A 198 -14.15 7.45 -24.58
N VAL A 199 -13.43 6.33 -24.64
CA VAL A 199 -13.97 4.99 -24.40
C VAL A 199 -13.40 4.49 -23.07
N PHE A 200 -14.32 4.22 -22.13
CA PHE A 200 -14.04 3.76 -20.76
C PHE A 200 -14.54 2.35 -20.52
N SER A 201 -13.94 1.64 -19.56
CA SER A 201 -14.33 0.28 -19.18
C SER A 201 -15.73 0.31 -18.51
N PRO A 202 -16.55 -0.78 -18.52
CA PRO A 202 -17.87 -0.73 -17.84
C PRO A 202 -17.73 -0.41 -16.35
N ASN A 203 -16.52 -0.65 -15.82
CA ASN A 203 -16.08 -0.37 -14.45
C ASN A 203 -16.16 1.15 -14.15
N TYR A 204 -15.91 2.00 -15.19
CA TYR A 204 -15.96 3.46 -15.10
C TYR A 204 -17.35 3.96 -14.70
N TYR A 205 -18.38 3.47 -15.40
CA TYR A 205 -19.77 3.84 -15.15
C TYR A 205 -20.20 3.25 -13.81
N GLN A 206 -19.64 2.07 -13.42
CA GLN A 206 -19.90 1.43 -12.13
C GLN A 206 -19.34 2.24 -10.97
N THR A 207 -18.15 2.84 -11.16
CA THR A 207 -17.50 3.69 -10.16
C THR A 207 -18.37 4.95 -9.92
N ARG A 208 -18.91 5.52 -11.03
CA ARG A 208 -19.82 6.67 -11.04
C ARG A 208 -21.12 6.30 -10.31
N GLN A 209 -21.54 5.03 -10.41
CA GLN A 209 -22.73 4.53 -9.74
C GLN A 209 -22.47 4.40 -8.24
N ASN A 210 -21.29 3.88 -7.88
CA ASN A 210 -20.90 3.71 -6.47
C ASN A 210 -20.80 5.07 -5.75
N LEU A 211 -20.37 6.11 -6.48
CA LEU A 211 -20.27 7.49 -5.99
C LEU A 211 -21.67 8.07 -5.76
N LEU A 212 -22.63 7.72 -6.65
CA LEU A 212 -24.06 8.10 -6.53
C LEU A 212 -24.70 7.49 -5.28
N ASP A 213 -24.36 6.22 -4.96
CA ASP A 213 -24.84 5.45 -3.82
C ASP A 213 -24.29 6.00 -2.48
N ILE A 214 -23.06 6.57 -2.50
CA ILE A 214 -22.43 7.18 -1.32
C ILE A 214 -23.21 8.47 -0.97
N GLU A 215 -23.66 9.21 -1.99
CA GLU A 215 -24.45 10.44 -1.85
C GLU A 215 -25.82 10.15 -1.20
N LYS A 216 -26.31 8.90 -1.30
CA LYS A 216 -27.59 8.47 -0.75
C LYS A 216 -27.52 8.11 0.75
N LEU A 217 -26.29 8.01 1.31
CA LEU A 217 -26.07 7.66 2.71
C LEU A 217 -26.43 8.82 3.65
N LYS A 218 -27.22 8.51 4.69
CA LYS A 218 -27.65 9.45 5.73
C LYS A 218 -27.52 8.81 7.12
N PHE A 219 -26.92 9.56 8.05
CA PHE A 219 -26.67 9.11 9.43
C PHE A 219 -27.97 8.76 10.18
N ASP A 220 -29.05 9.54 9.99
CA ASP A 220 -30.35 9.32 10.64
C ASP A 220 -30.97 7.97 10.25
N ASP A 221 -30.70 7.50 9.01
CA ASP A 221 -31.20 6.23 8.48
C ASP A 221 -30.59 5.03 9.21
N LEU A 222 -29.27 5.05 9.48
CA LEU A 222 -28.63 3.92 10.15
C LEU A 222 -28.70 4.05 11.68
N ASP A 223 -29.49 3.15 12.30
CA ASP A 223 -29.65 3.09 13.75
C ASP A 223 -28.35 2.52 14.32
N ILE A 224 -27.46 3.42 14.76
CA ILE A 224 -26.12 3.08 15.23
C ILE A 224 -26.05 2.99 16.78
N HIS A 225 -25.42 1.90 17.24
CA HIS A 225 -25.17 1.56 18.64
C HIS A 225 -23.67 1.32 18.79
N ALA A 226 -23.06 1.92 19.81
CA ALA A 226 -21.62 1.78 20.02
C ALA A 226 -21.33 0.78 21.11
N TYR A 227 -22.35 0.35 21.84
CA TYR A 227 -22.21 -0.61 22.93
C TYR A 227 -23.49 -1.46 23.06
N ARG A 228 -23.41 -2.42 23.95
CA ARG A 228 -24.49 -3.32 24.30
C ARG A 228 -24.34 -3.61 25.77
N TYR A 229 -25.46 -3.62 26.47
CA TYR A 229 -25.51 -3.99 27.87
C TYR A 229 -25.40 -5.52 28.01
N VAL A 230 -24.57 -5.96 28.95
CA VAL A 230 -24.43 -7.37 29.36
C VAL A 230 -25.25 -7.48 30.63
N MET A 231 -25.13 -6.44 31.47
CA MET A 231 -25.82 -6.25 32.74
C MET A 231 -26.10 -4.77 32.92
N LYS A 232 -27.39 -4.41 33.02
CA LYS A 232 -27.85 -3.03 33.20
C LYS A 232 -27.44 -2.55 34.61
N PRO A 233 -27.36 -1.22 34.89
CA PRO A 233 -26.98 -0.80 36.25
C PRO A 233 -27.83 -1.45 37.36
N THR A 234 -27.15 -1.94 38.38
CA THR A 234 -27.76 -2.63 39.51
C THR A 234 -28.28 -1.70 40.59
N LEU A 235 -29.25 -2.21 41.31
CA LEU A 235 -29.79 -1.53 42.46
C LEU A 235 -29.11 -2.11 43.71
N PRO A 236 -28.16 -1.41 44.39
CA PRO A 236 -27.49 -2.01 45.56
C PRO A 236 -28.48 -2.37 46.69
N ILE A 237 -28.29 -3.55 47.28
CA ILE A 237 -29.15 -4.04 48.38
C ILE A 237 -28.84 -3.30 49.74
N ARG A 238 -27.54 -2.97 49.98
CA ARG A 238 -27.02 -2.36 51.20
C ARG A 238 -25.86 -1.42 50.83
N ARG A 239 -25.67 -0.33 51.64
CA ARG A 239 -24.64 0.70 51.41
C ARG A 239 -23.21 0.12 51.51
N ASP A 240 -22.22 0.83 50.90
CA ASP A 240 -20.79 0.50 50.88
C ASP A 240 -20.24 0.20 52.27
N LYS B 5 3.01 15.12 45.01
CA LYS B 5 2.14 16.22 45.45
C LYS B 5 0.91 16.44 44.50
N TRP B 6 1.02 17.17 43.34
CA TRP B 6 -0.16 17.41 42.47
C TRP B 6 -0.05 16.67 41.15
N THR B 7 -1.08 15.89 40.77
CA THR B 7 -1.07 15.11 39.53
C THR B 7 -1.99 15.73 38.46
N SER B 8 -1.40 16.02 37.29
CA SER B 8 -2.12 16.46 36.11
C SER B 8 -2.24 15.29 35.17
N THR B 9 -3.45 15.09 34.63
CA THR B 9 -3.74 13.95 33.76
C THR B 9 -4.32 14.41 32.44
N ALA B 10 -3.97 13.68 31.38
CA ALA B 10 -4.49 13.83 30.03
C ALA B 10 -4.77 12.45 29.45
N ILE B 11 -5.79 12.34 28.59
CA ILE B 11 -6.11 11.06 27.94
C ILE B 11 -6.03 11.31 26.45
N ILE B 12 -5.22 10.51 25.79
CA ILE B 12 -4.94 10.63 24.38
C ILE B 12 -5.25 9.31 23.65
N THR B 13 -5.81 9.41 22.41
CA THR B 13 -6.08 8.20 21.62
C THR B 13 -5.64 8.46 20.16
N GLN B 14 -5.88 7.47 19.29
CA GLN B 14 -5.52 7.55 17.88
C GLN B 14 -6.24 8.73 17.24
N PRO B 15 -5.60 9.35 16.24
CA PRO B 15 -6.29 10.46 15.56
C PRO B 15 -7.51 9.96 14.77
N ASP B 16 -8.47 10.85 14.47
CA ASP B 16 -9.69 10.58 13.67
C ASP B 16 -9.34 10.45 12.20
N VAL B 17 -10.24 9.83 11.40
CA VAL B 17 -10.10 9.66 9.95
C VAL B 17 -9.97 11.05 9.29
N GLY B 18 -10.70 12.02 9.84
CA GLY B 18 -10.65 13.39 9.35
C GLY B 18 -9.30 14.04 9.55
N GLN B 19 -8.71 13.81 10.72
CA GLN B 19 -7.39 14.33 11.08
C GLN B 19 -6.26 13.69 10.24
N ILE B 20 -6.51 12.47 9.76
CA ILE B 20 -5.59 11.60 9.07
C ILE B 20 -5.76 11.58 7.53
N ALA B 21 -6.92 12.06 7.01
CA ALA B 21 -7.28 12.08 5.58
C ALA B 21 -6.10 12.44 4.62
N GLY B 22 -5.35 13.49 4.97
CA GLY B 22 -4.18 13.98 4.22
C GLY B 22 -3.03 13.00 4.14
N TYR B 23 -2.62 12.43 5.30
CA TYR B 23 -1.55 11.43 5.37
C TYR B 23 -1.99 10.15 4.65
N ASN B 24 -3.27 9.75 4.83
CA ASN B 24 -3.81 8.57 4.17
C ASN B 24 -3.86 8.78 2.67
N ASN B 25 -4.22 10.00 2.22
CA ASN B 25 -4.25 10.28 0.79
C ASN B 25 -2.83 10.22 0.21
N ALA B 26 -1.84 10.79 0.91
CA ALA B 26 -0.44 10.77 0.51
C ALA B 26 0.04 9.32 0.39
N MET B 27 -0.30 8.47 1.39
CA MET B 27 0.05 7.03 1.46
C MET B 27 -0.57 6.24 0.30
N ASN B 28 -1.86 6.52 -0.01
CA ASN B 28 -2.60 5.93 -1.12
C ASN B 28 -1.90 6.28 -2.44
N VAL B 29 -1.52 7.58 -2.61
CA VAL B 29 -0.85 8.10 -3.81
C VAL B 29 0.48 7.34 -4.00
N ILE B 30 1.25 7.14 -2.92
CA ILE B 30 2.57 6.48 -2.98
C ILE B 30 2.49 4.97 -3.25
N TYR B 31 1.65 4.24 -2.52
CA TYR B 31 1.63 2.79 -2.60
C TYR B 31 0.44 2.14 -3.31
N GLY B 32 -0.60 2.89 -3.62
CA GLY B 32 -1.78 2.38 -4.32
C GLY B 32 -2.56 1.37 -3.51
N GLN B 33 -2.67 0.13 -4.01
CA GLN B 33 -3.38 -0.95 -3.32
C GLN B 33 -2.52 -1.50 -2.16
N ALA B 34 -1.18 -1.38 -2.26
CA ALA B 34 -0.23 -1.82 -1.22
C ALA B 34 -0.24 -0.88 0.01
N ALA B 35 -0.96 0.26 -0.08
CA ALA B 35 -1.08 1.27 0.98
C ALA B 35 -1.82 0.70 2.19
N PRO B 36 -1.39 1.07 3.42
CA PRO B 36 -2.08 0.53 4.60
C PRO B 36 -3.51 1.06 4.75
N LYS B 37 -4.42 0.23 5.31
CA LYS B 37 -5.80 0.59 5.60
C LYS B 37 -5.81 1.81 6.57
N VAL B 38 -6.83 2.69 6.45
CA VAL B 38 -6.96 3.90 7.26
C VAL B 38 -6.81 3.59 8.77
N SER B 39 -7.40 2.47 9.25
CA SER B 39 -7.35 2.05 10.66
C SER B 39 -5.92 1.64 11.09
N ASP B 40 -5.14 1.09 10.16
CA ASP B 40 -3.75 0.72 10.41
C ASP B 40 -2.86 1.97 10.52
N LEU B 41 -3.15 3.03 9.73
CA LEU B 41 -2.42 4.30 9.78
C LEU B 41 -2.67 5.03 11.12
N GLN B 42 -3.93 5.00 11.58
CA GLN B 42 -4.35 5.57 12.85
C GLN B 42 -3.55 4.96 14.02
N GLU B 43 -3.40 3.63 14.01
CA GLU B 43 -2.65 2.87 15.02
C GLU B 43 -1.15 3.14 14.92
N THR B 44 -0.66 3.30 13.70
CA THR B 44 0.75 3.56 13.42
C THR B 44 1.11 4.93 13.97
N LEU B 45 0.21 5.92 13.78
CA LEU B 45 0.42 7.30 14.23
C LEU B 45 0.34 7.44 15.75
N ILE B 46 -0.62 6.79 16.40
CA ILE B 46 -0.66 6.85 17.87
C ILE B 46 0.56 6.03 18.41
N GLY B 47 0.93 4.95 17.72
CA GLY B 47 2.09 4.12 17.99
C GLY B 47 3.38 4.93 17.97
N ARG B 48 3.57 5.79 16.95
CA ARG B 48 4.74 6.66 16.81
C ARG B 48 4.76 7.71 17.95
N PHE B 49 3.56 8.26 18.33
CA PHE B 49 3.46 9.24 19.40
C PHE B 49 3.81 8.62 20.76
N SER B 50 3.12 7.53 21.13
CA SER B 50 3.32 6.84 22.41
C SER B 50 4.76 6.34 22.58
N SER B 51 5.39 5.83 21.50
CA SER B 51 6.76 5.34 21.53
C SER B 51 7.73 6.46 21.89
N ALA B 52 7.62 7.64 21.22
CA ALA B 52 8.44 8.82 21.50
C ALA B 52 8.23 9.26 22.96
N PHE B 53 6.96 9.29 23.42
CA PHE B 53 6.56 9.68 24.78
C PHE B 53 7.20 8.81 25.87
N SER B 54 7.35 7.50 25.59
CA SER B 54 7.87 6.49 26.52
C SER B 54 9.34 6.76 26.92
N ALA B 55 10.08 7.58 26.14
CA ALA B 55 11.46 7.94 26.47
C ALA B 55 11.51 8.90 27.69
N LEU B 56 10.52 9.81 27.78
CA LEU B 56 10.39 10.84 28.82
C LEU B 56 10.26 10.22 30.25
N PRO B 57 9.39 9.22 30.53
CA PRO B 57 9.37 8.63 31.89
C PRO B 57 10.75 8.18 32.37
N GLU B 58 11.55 7.57 31.47
CA GLU B 58 12.90 7.10 31.74
C GLU B 58 13.90 8.22 31.95
N THR B 59 13.90 9.23 31.04
CA THR B 59 14.81 10.38 31.08
C THR B 59 14.54 11.28 32.30
N LEU B 60 13.26 11.54 32.61
CA LEU B 60 12.85 12.39 33.73
C LEU B 60 13.21 11.75 35.08
N ASP B 61 13.28 10.42 35.14
CA ASP B 61 13.65 9.68 36.35
C ASP B 61 15.19 9.70 36.55
N ASN B 62 15.95 9.65 35.44
CA ASN B 62 17.41 9.64 35.47
C ASN B 62 17.99 11.06 35.49
N GLN B 63 17.50 11.86 36.45
CA GLN B 63 17.89 13.25 36.72
C GLN B 63 18.36 13.39 38.16
N GLU B 64 19.07 14.51 38.50
CA GLU B 64 19.50 14.82 39.88
C GLU B 64 18.26 14.78 40.79
N GLU B 65 17.21 15.53 40.40
CA GLU B 65 15.90 15.58 41.06
C GLU B 65 14.93 14.86 40.11
N PRO B 66 14.61 13.58 40.42
CA PRO B 66 13.74 12.80 39.53
C PRO B 66 12.31 13.32 39.43
N GLU B 67 11.77 13.29 38.21
CA GLU B 67 10.40 13.69 37.92
C GLU B 67 9.60 12.43 37.58
N LYS B 68 8.32 12.44 37.95
CA LYS B 68 7.43 11.32 37.68
C LYS B 68 6.47 11.70 36.57
N LEU B 69 6.65 11.02 35.42
CA LEU B 69 5.79 11.10 34.24
C LEU B 69 5.42 9.70 33.85
N THR B 70 4.11 9.51 33.59
CA THR B 70 3.53 8.20 33.32
C THR B 70 2.75 8.18 32.02
N ILE B 71 2.82 7.03 31.34
CA ILE B 71 2.07 6.71 30.11
C ILE B 71 1.61 5.24 30.28
N GLU B 72 0.29 5.08 30.43
CA GLU B 72 -0.36 3.79 30.66
C GLU B 72 -1.66 3.69 29.88
N PRO B 73 -2.14 2.47 29.54
CA PRO B 73 -3.50 2.39 28.95
C PRO B 73 -4.53 2.85 30.00
N SER B 74 -5.55 3.64 29.58
CA SER B 74 -6.61 4.16 30.47
C SER B 74 -7.47 3.07 31.05
N VAL B 75 -7.77 2.03 30.25
CA VAL B 75 -8.55 0.87 30.69
C VAL B 75 -7.65 -0.33 30.59
N LYS B 76 -7.53 -1.10 31.66
CA LYS B 76 -6.71 -2.30 31.73
C LYS B 76 -7.11 -3.28 30.62
N ASN B 77 -6.11 -3.90 29.96
CA ASN B 77 -6.23 -4.87 28.85
C ASN B 77 -6.75 -4.21 27.56
N GLN B 78 -6.82 -2.87 27.51
CA GLN B 78 -7.24 -2.11 26.33
C GLN B 78 -6.04 -1.31 25.83
N GLN B 79 -5.69 -1.43 24.55
CA GLN B 79 -4.55 -0.68 23.96
C GLN B 79 -4.81 0.82 23.98
N LEU B 80 -6.03 1.22 23.62
CA LEU B 80 -6.40 2.62 23.60
C LEU B 80 -7.63 2.87 24.48
N PRO B 81 -7.76 4.06 25.08
CA PRO B 81 -6.87 5.23 25.00
C PRO B 81 -5.69 5.14 25.99
N LEU B 82 -4.80 6.15 25.93
CA LEU B 82 -3.65 6.21 26.80
C LEU B 82 -3.75 7.38 27.74
N THR B 83 -3.42 7.15 29.01
CA THR B 83 -3.43 8.13 30.08
C THR B 83 -2.01 8.59 30.32
N VAL B 84 -1.80 9.89 30.18
CA VAL B 84 -0.51 10.51 30.43
C VAL B 84 -0.64 11.34 31.73
N SER B 85 0.32 11.16 32.64
CA SER B 85 0.27 11.82 33.94
C SER B 85 1.57 12.44 34.32
N TYR B 86 1.50 13.56 35.01
CA TYR B 86 2.67 14.27 35.51
C TYR B 86 2.43 14.71 36.95
N VAL B 87 3.43 14.46 37.81
CA VAL B 87 3.39 14.87 39.21
C VAL B 87 4.26 16.14 39.35
N GLY B 88 3.59 17.25 39.62
CA GLY B 88 4.22 18.56 39.81
C GLY B 88 4.21 19.00 41.26
N GLN B 89 4.75 20.20 41.51
CA GLN B 89 4.85 20.78 42.85
C GLN B 89 3.61 21.62 43.19
N THR B 90 3.02 22.28 42.18
CA THR B 90 1.82 23.12 42.25
C THR B 90 0.80 22.59 41.21
N ALA B 91 -0.51 22.90 41.33
CA ALA B 91 -1.53 22.42 40.37
C ALA B 91 -1.30 22.99 38.96
N GLU B 92 -1.06 24.30 38.88
CA GLU B 92 -0.82 25.05 37.65
C GLU B 92 0.44 24.58 36.97
N GLY B 93 1.45 24.24 37.78
CA GLY B 93 2.74 23.74 37.33
C GLY B 93 2.66 22.36 36.72
N ALA B 94 1.97 21.43 37.42
CA ALA B 94 1.72 20.07 36.98
C ALA B 94 1.04 20.05 35.61
N GLN B 95 -0.02 20.88 35.44
CA GLN B 95 -0.79 20.99 34.19
C GLN B 95 0.08 21.55 33.08
N MET B 96 0.77 22.66 33.36
CA MET B 96 1.67 23.36 32.46
C MET B 96 2.75 22.42 31.93
N LYS B 97 3.45 21.72 32.85
CA LYS B 97 4.54 20.81 32.49
C LYS B 97 4.02 19.61 31.69
N LEU B 98 2.82 19.07 32.03
CA LEU B 98 2.25 17.97 31.26
C LEU B 98 2.00 18.39 29.80
N ALA B 99 1.30 19.54 29.59
CA ALA B 99 1.00 20.10 28.26
C ALA B 99 2.29 20.37 27.48
N GLN B 100 3.36 20.87 28.17
CA GLN B 100 4.66 21.16 27.56
C GLN B 100 5.30 19.87 27.05
N TYR B 101 5.30 18.81 27.88
CA TYR B 101 5.89 17.52 27.51
C TYR B 101 5.10 16.88 26.35
N ILE B 102 3.79 17.07 26.29
CA ILE B 102 2.96 16.56 25.19
C ILE B 102 3.32 17.32 23.90
N GLN B 103 3.53 18.65 23.99
CA GLN B 103 3.91 19.51 22.85
C GLN B 103 5.31 19.17 22.32
N GLN B 104 6.24 18.91 23.25
CA GLN B 104 7.63 18.53 22.99
C GLN B 104 7.67 17.25 22.13
N VAL B 105 6.87 16.23 22.54
CA VAL B 105 6.73 14.92 21.86
C VAL B 105 6.05 15.16 20.51
N ASP B 106 4.99 15.98 20.48
CA ASP B 106 4.23 16.33 19.28
C ASP B 106 5.17 16.93 18.20
N ASP B 107 6.13 17.78 18.60
CA ASP B 107 7.10 18.39 17.70
C ASP B 107 8.09 17.35 17.15
N LYS B 108 8.62 16.47 18.01
CA LYS B 108 9.56 15.41 17.61
C LYS B 108 8.90 14.45 16.62
N VAL B 109 7.63 14.09 16.87
CA VAL B 109 6.84 13.16 16.05
C VAL B 109 6.53 13.79 14.70
N ASN B 110 6.22 15.10 14.68
CA ASN B 110 5.97 15.82 13.44
C ASN B 110 7.23 15.78 12.53
N GLN B 111 8.43 15.90 13.15
CA GLN B 111 9.70 15.85 12.43
C GLN B 111 9.96 14.43 11.91
N GLU B 112 9.69 13.39 12.73
CA GLU B 112 9.81 11.96 12.39
C GLU B 112 8.93 11.63 11.20
N LEU B 113 7.72 12.23 11.16
CA LEU B 113 6.71 12.05 10.12
C LEU B 113 7.11 12.71 8.83
N GLU B 114 7.79 13.87 8.92
CA GLU B 114 8.28 14.62 7.76
C GLU B 114 9.35 13.79 7.05
N LYS B 115 10.27 13.18 7.83
CA LYS B 115 11.35 12.32 7.33
C LYS B 115 10.75 11.03 6.76
N ASP B 116 9.74 10.46 7.44
CA ASP B 116 9.04 9.25 7.05
C ASP B 116 8.36 9.44 5.68
N LEU B 117 7.66 10.58 5.49
CA LEU B 117 6.97 10.89 4.24
C LEU B 117 7.98 10.96 3.09
N LYS B 118 9.13 11.64 3.28
CA LYS B 118 10.11 11.75 2.19
C LYS B 118 10.78 10.38 1.88
N ASP B 119 10.95 9.53 2.91
CA ASP B 119 11.53 8.20 2.74
C ASP B 119 10.59 7.31 1.93
N ASN B 120 9.28 7.42 2.21
CA ASN B 120 8.22 6.67 1.54
C ASN B 120 8.07 7.16 0.11
N ILE B 121 8.21 8.48 -0.12
CA ILE B 121 8.12 9.09 -1.44
C ILE B 121 9.28 8.57 -2.29
N ALA B 122 10.49 8.49 -1.72
CA ALA B 122 11.69 7.97 -2.38
C ALA B 122 11.53 6.48 -2.80
N LEU B 123 10.94 5.66 -1.90
CA LEU B 123 10.67 4.24 -2.12
C LEU B 123 9.58 4.02 -3.18
N GLY B 124 8.48 4.78 -3.07
CA GLY B 124 7.38 4.74 -4.03
C GLY B 124 7.83 5.11 -5.43
N ARG B 125 8.63 6.20 -5.56
CA ARG B 125 9.18 6.68 -6.83
C ARG B 125 10.05 5.59 -7.49
N LYS B 126 11.00 5.01 -6.72
CA LYS B 126 11.87 3.93 -7.16
C LYS B 126 11.05 2.78 -7.75
N ASN B 127 9.98 2.35 -7.05
CA ASN B 127 9.14 1.23 -7.51
C ASN B 127 8.39 1.54 -8.82
N LEU B 128 7.85 2.77 -8.94
CA LEU B 128 7.12 3.23 -10.13
C LEU B 128 8.04 3.47 -11.33
N GLN B 129 9.25 4.02 -11.10
CA GLN B 129 10.25 4.26 -12.15
C GLN B 129 10.79 2.92 -12.67
N ASP B 130 10.95 1.92 -11.77
CA ASP B 130 11.40 0.57 -12.11
C ASP B 130 10.35 -0.11 -12.99
N SER B 131 9.06 0.10 -12.66
CA SER B 131 7.91 -0.44 -13.38
C SER B 131 7.82 0.18 -14.78
N LEU B 132 7.95 1.52 -14.91
CA LEU B 132 7.87 2.22 -16.21
C LEU B 132 9.00 1.80 -17.14
N ARG B 133 10.24 1.75 -16.61
CA ARG B 133 11.47 1.34 -17.30
C ARG B 133 11.32 -0.05 -17.92
N THR B 134 10.88 -1.03 -17.10
CA THR B 134 10.66 -2.42 -17.50
C THR B 134 9.66 -2.49 -18.64
N GLN B 135 8.53 -1.78 -18.49
CA GLN B 135 7.44 -1.72 -19.45
C GLN B 135 7.90 -1.09 -20.76
N GLU B 136 8.78 -0.07 -20.69
CA GLU B 136 9.36 0.62 -21.85
C GLU B 136 10.29 -0.30 -22.60
N VAL B 137 11.14 -1.08 -21.87
CA VAL B 137 12.09 -2.05 -22.46
C VAL B 137 11.28 -3.09 -23.26
N VAL B 138 10.23 -3.67 -22.63
CA VAL B 138 9.35 -4.67 -23.24
C VAL B 138 8.71 -4.13 -24.53
N ALA B 139 8.09 -2.93 -24.45
CA ALA B 139 7.41 -2.30 -25.60
C ALA B 139 8.37 -2.03 -26.76
N GLN B 140 9.64 -1.72 -26.46
CA GLN B 140 10.67 -1.46 -27.45
C GLN B 140 11.11 -2.77 -28.10
N GLU B 141 11.29 -3.86 -27.30
CA GLU B 141 11.69 -5.18 -27.77
C GLU B 141 10.60 -5.78 -28.68
N GLN B 142 9.34 -5.51 -28.35
CA GLN B 142 8.19 -5.95 -29.14
C GLN B 142 8.15 -5.18 -30.48
N LYS B 143 8.40 -3.85 -30.44
CA LYS B 143 8.50 -3.02 -31.66
C LYS B 143 9.67 -3.50 -32.52
N ASP B 144 10.85 -3.73 -31.90
CA ASP B 144 12.05 -4.21 -32.58
C ASP B 144 11.82 -5.53 -33.27
N LEU B 145 11.11 -6.48 -32.63
CA LEU B 145 10.77 -7.78 -33.25
C LEU B 145 9.95 -7.56 -34.52
N ARG B 146 8.90 -6.72 -34.45
CA ARG B 146 8.02 -6.40 -35.57
C ARG B 146 8.80 -5.79 -36.72
N ILE B 147 9.74 -4.86 -36.45
CA ILE B 147 10.57 -4.26 -37.51
C ILE B 147 11.44 -5.33 -38.18
N ARG B 148 12.07 -6.25 -37.40
CA ARG B 148 12.86 -7.35 -37.94
C ARG B 148 12.00 -8.24 -38.87
N GLN B 149 10.75 -8.55 -38.42
CA GLN B 149 9.78 -9.34 -39.18
C GLN B 149 9.41 -8.66 -40.50
N ILE B 150 9.22 -7.32 -40.48
CA ILE B 150 8.93 -6.48 -41.66
C ILE B 150 10.16 -6.49 -42.58
N GLN B 151 11.38 -6.41 -42.01
CA GLN B 151 12.63 -6.45 -42.79
C GLN B 151 12.78 -7.78 -43.53
N GLU B 152 12.40 -8.88 -42.87
CA GLU B 152 12.47 -10.22 -43.45
C GLU B 152 11.44 -10.37 -44.56
N ALA B 153 10.21 -9.89 -44.33
CA ALA B 153 9.10 -9.93 -45.27
C ALA B 153 9.38 -9.11 -46.52
N LEU B 154 10.16 -8.03 -46.38
CA LEU B 154 10.54 -7.19 -47.51
C LEU B 154 11.45 -7.97 -48.45
N GLN B 155 12.29 -8.88 -47.90
CA GLN B 155 13.16 -9.72 -48.74
C GLN B 155 12.30 -10.69 -49.57
N TYR B 156 11.21 -11.26 -48.95
CA TYR B 156 10.28 -12.18 -49.62
C TYR B 156 9.47 -11.45 -50.71
N ALA B 157 8.99 -10.21 -50.39
CA ALA B 157 8.21 -9.38 -51.31
C ALA B 157 9.02 -9.01 -52.54
N ASN B 158 10.33 -8.74 -52.36
CA ASN B 158 11.22 -8.41 -53.48
C ASN B 158 11.52 -9.64 -54.33
N GLN B 159 11.69 -10.84 -53.73
CA GLN B 159 11.99 -12.05 -54.52
C GLN B 159 10.75 -12.48 -55.31
N ALA B 160 9.56 -12.37 -54.71
CA ALA B 160 8.28 -12.69 -55.36
C ALA B 160 7.84 -11.59 -56.32
N GLN B 161 8.59 -10.45 -56.34
CA GLN B 161 8.39 -9.26 -57.17
C GLN B 161 7.00 -8.63 -56.96
N VAL B 162 6.47 -8.69 -55.72
CA VAL B 162 5.17 -8.12 -55.35
C VAL B 162 5.37 -6.75 -54.66
N THR B 163 5.00 -5.65 -55.35
CA THR B 163 5.21 -4.28 -54.87
C THR B 163 3.96 -3.67 -54.24
N LYS B 164 2.78 -4.00 -54.80
CA LYS B 164 1.51 -3.48 -54.31
C LYS B 164 0.87 -4.52 -53.40
N PRO B 165 -0.05 -4.13 -52.47
CA PRO B 165 -0.68 -5.14 -51.60
C PRO B 165 -1.41 -6.21 -52.41
N GLN B 166 -1.38 -7.46 -51.94
CA GLN B 166 -1.98 -8.62 -52.62
C GLN B 166 -3.26 -9.08 -51.98
N VAL B 167 -3.66 -8.42 -50.90
CA VAL B 167 -4.78 -8.86 -50.11
C VAL B 167 -5.85 -7.79 -49.99
N GLN B 168 -7.12 -8.26 -50.07
CA GLN B 168 -8.36 -7.48 -49.92
C GLN B 168 -8.70 -7.40 -48.43
N GLN B 169 -9.20 -8.52 -47.85
CA GLN B 169 -9.56 -8.68 -46.44
C GLN B 169 -8.38 -9.21 -45.62
N THR B 170 -8.09 -8.58 -44.45
CA THR B 170 -6.99 -9.00 -43.56
C THR B 170 -7.21 -8.54 -42.10
N GLU B 171 -7.41 -9.54 -41.20
CA GLU B 171 -7.52 -9.31 -39.75
C GLU B 171 -6.17 -8.82 -39.20
N ASP B 172 -5.13 -9.66 -39.36
CA ASP B 172 -3.77 -9.40 -38.91
C ASP B 172 -2.75 -10.09 -39.83
N VAL B 173 -1.54 -9.56 -39.86
CA VAL B 173 -0.49 -10.19 -40.64
C VAL B 173 0.51 -10.84 -39.69
N THR B 174 1.05 -11.95 -40.13
CA THR B 174 2.05 -12.77 -39.45
C THR B 174 3.34 -12.64 -40.21
N GLN B 175 4.39 -13.28 -39.72
CA GLN B 175 5.68 -13.31 -40.38
C GLN B 175 5.56 -13.81 -41.82
N ASP B 176 4.69 -14.82 -42.03
CA ASP B 176 4.48 -15.44 -43.32
C ASP B 176 3.53 -14.65 -44.24
N THR B 177 2.64 -13.80 -43.70
CA THR B 177 1.69 -13.10 -44.55
C THR B 177 2.01 -11.60 -44.72
N LEU B 178 3.07 -11.08 -44.05
CA LEU B 178 3.46 -9.67 -44.14
C LEU B 178 3.89 -9.25 -45.53
N PHE B 179 4.58 -10.11 -46.29
CA PHE B 179 5.08 -9.77 -47.64
C PHE B 179 3.92 -9.45 -48.58
N LEU B 180 2.70 -9.95 -48.25
CA LEU B 180 1.50 -9.72 -49.06
C LEU B 180 1.06 -8.24 -49.03
N LEU B 181 1.67 -7.42 -48.14
CA LEU B 181 1.41 -5.99 -48.03
C LEU B 181 2.14 -5.24 -49.15
N GLY B 182 3.10 -5.91 -49.78
CA GLY B 182 3.87 -5.39 -50.89
C GLY B 182 5.14 -4.73 -50.43
N SER B 183 6.21 -4.79 -51.25
CA SER B 183 7.51 -4.18 -50.92
C SER B 183 7.42 -2.67 -50.69
N GLU B 184 6.53 -1.97 -51.39
CA GLU B 184 6.32 -0.52 -51.26
C GLU B 184 5.89 -0.10 -49.85
N ALA B 185 4.86 -0.78 -49.28
CA ALA B 185 4.36 -0.52 -47.93
C ALA B 185 5.34 -1.00 -46.88
N LEU B 186 6.02 -2.11 -47.14
CA LEU B 186 6.99 -2.66 -46.20
C LEU B 186 8.19 -1.73 -46.06
N GLU B 187 8.68 -1.15 -47.20
CA GLU B 187 9.79 -0.19 -47.20
C GLU B 187 9.43 1.03 -46.37
N SER B 188 8.18 1.54 -46.56
CA SER B 188 7.62 2.68 -45.84
C SER B 188 7.60 2.42 -44.34
N MET B 189 7.23 1.19 -43.92
CA MET B 189 7.18 0.79 -42.52
C MET B 189 8.58 0.82 -41.89
N ILE B 190 9.62 0.41 -42.66
CA ILE B 190 11.02 0.41 -42.24
C ILE B 190 11.57 1.85 -42.21
N LYS B 191 11.38 2.63 -43.32
CA LYS B 191 11.84 4.03 -43.42
C LYS B 191 11.27 4.88 -42.26
N HIS B 192 10.08 4.50 -41.75
CA HIS B 192 9.40 5.23 -40.68
C HIS B 192 9.44 4.51 -39.35
N GLU B 193 10.31 3.49 -39.25
CA GLU B 193 10.54 2.64 -38.09
C GLU B 193 10.56 3.48 -36.82
N ALA B 194 11.30 4.60 -36.83
CA ALA B 194 11.50 5.49 -35.70
C ALA B 194 10.23 6.10 -35.19
N THR B 195 9.31 6.49 -36.08
CA THR B 195 8.10 7.18 -35.66
C THR B 195 6.91 6.21 -35.41
N ARG B 196 7.14 4.90 -35.50
CA ARG B 196 6.10 3.92 -35.20
C ARG B 196 5.83 3.93 -33.69
N PRO B 197 4.60 4.21 -33.20
CA PRO B 197 4.41 4.30 -31.76
C PRO B 197 4.60 3.01 -31.00
N LEU B 198 5.14 3.13 -29.77
CA LEU B 198 5.27 2.03 -28.81
C LEU B 198 3.89 1.73 -28.24
N VAL B 199 3.60 0.46 -28.02
CA VAL B 199 2.33 0.01 -27.46
C VAL B 199 2.60 -0.51 -26.05
N PHE B 200 1.94 0.14 -25.06
CA PHE B 200 2.07 -0.18 -23.64
C PHE B 200 0.74 -0.67 -23.08
N SER B 201 0.79 -1.45 -21.98
CA SER B 201 -0.41 -1.92 -21.28
C SER B 201 -1.13 -0.74 -20.60
N PRO B 202 -2.48 -0.78 -20.34
CA PRO B 202 -3.15 0.34 -19.65
C PRO B 202 -2.54 0.67 -18.28
N ASN B 203 -1.89 -0.32 -17.63
CA ASN B 203 -1.16 -0.13 -16.39
C ASN B 203 -0.07 0.93 -16.57
N TYR B 204 0.62 0.92 -17.74
CA TYR B 204 1.69 1.88 -18.03
C TYR B 204 1.25 3.33 -17.76
N TYR B 205 0.10 3.72 -18.32
CA TYR B 205 -0.44 5.06 -18.22
C TYR B 205 -0.85 5.34 -16.80
N GLN B 206 -1.37 4.34 -16.07
CA GLN B 206 -1.70 4.52 -14.65
C GLN B 206 -0.41 4.86 -13.89
N THR B 207 0.61 4.02 -14.03
CA THR B 207 1.92 4.15 -13.37
C THR B 207 2.58 5.52 -13.65
N ARG B 208 2.53 5.98 -14.90
CA ARG B 208 3.15 7.24 -15.30
C ARG B 208 2.44 8.44 -14.64
N GLN B 209 1.11 8.37 -14.55
CA GLN B 209 0.30 9.41 -13.92
C GLN B 209 0.49 9.35 -12.39
N ASN B 210 0.56 8.13 -11.82
CA ASN B 210 0.76 7.94 -10.39
C ASN B 210 2.09 8.55 -9.94
N LEU B 211 3.11 8.50 -10.81
CA LEU B 211 4.43 9.07 -10.57
C LEU B 211 4.35 10.60 -10.56
N LEU B 212 3.54 11.18 -11.47
CA LEU B 212 3.28 12.62 -11.56
C LEU B 212 2.61 13.14 -10.27
N ASP B 213 1.66 12.35 -9.74
CA ASP B 213 0.88 12.64 -8.53
C ASP B 213 1.75 12.57 -7.27
N ILE B 214 2.79 11.70 -7.25
CA ILE B 214 3.72 11.57 -6.11
C ILE B 214 4.57 12.83 -6.02
N GLU B 215 4.95 13.39 -7.19
CA GLU B 215 5.74 14.60 -7.31
C GLU B 215 4.99 15.82 -6.78
N LYS B 216 3.64 15.75 -6.73
CA LYS B 216 2.75 16.82 -6.26
C LYS B 216 2.59 16.84 -4.74
N LEU B 217 3.04 15.77 -4.04
CA LEU B 217 2.89 15.65 -2.59
C LEU B 217 3.87 16.56 -1.85
N LYS B 218 3.36 17.30 -0.84
CA LYS B 218 4.11 18.20 0.03
C LYS B 218 3.63 18.05 1.49
N PHE B 219 4.58 17.92 2.45
CA PHE B 219 4.31 17.76 3.89
C PHE B 219 3.49 18.91 4.49
N ASP B 220 3.77 20.16 4.08
CA ASP B 220 3.09 21.37 4.54
C ASP B 220 1.59 21.36 4.19
N ASP B 221 1.22 20.73 3.05
CA ASP B 221 -0.16 20.61 2.58
C ASP B 221 -0.99 19.72 3.51
N LEU B 222 -0.37 18.64 4.01
CA LEU B 222 -1.07 17.71 4.90
C LEU B 222 -0.96 18.14 6.37
N ASP B 223 -2.13 18.50 6.93
CA ASP B 223 -2.33 18.82 8.34
C ASP B 223 -2.45 17.48 9.04
N ILE B 224 -1.32 16.97 9.54
CA ILE B 224 -1.31 15.66 10.16
C ILE B 224 -1.23 15.75 11.68
N HIS B 225 -2.03 14.91 12.31
CA HIS B 225 -2.23 14.74 13.75
C HIS B 225 -1.83 13.32 14.13
N ALA B 226 -0.96 13.15 15.12
CA ALA B 226 -0.54 11.79 15.52
C ALA B 226 -1.42 11.26 16.69
N TYR B 227 -2.29 12.13 17.22
CA TYR B 227 -3.19 11.78 18.30
C TYR B 227 -4.42 12.69 18.29
N ARG B 228 -5.35 12.38 19.20
CA ARG B 228 -6.60 13.08 19.45
C ARG B 228 -6.78 13.08 20.94
N TYR B 229 -7.15 14.24 21.52
CA TYR B 229 -7.38 14.29 22.95
C TYR B 229 -8.75 13.76 23.27
N VAL B 230 -8.81 12.94 24.31
CA VAL B 230 -10.04 12.46 24.89
C VAL B 230 -10.31 13.46 26.03
N MET B 231 -9.22 13.83 26.74
CA MET B 231 -9.18 14.79 27.84
C MET B 231 -7.83 15.53 27.83
N LYS B 232 -7.88 16.87 27.77
CA LYS B 232 -6.67 17.72 27.79
C LYS B 232 -6.07 17.73 29.23
N PRO B 233 -4.76 18.13 29.46
CA PRO B 233 -4.23 18.08 30.84
C PRO B 233 -5.11 18.81 31.86
N THR B 234 -5.48 18.08 32.93
CA THR B 234 -6.33 18.60 33.99
C THR B 234 -5.59 19.55 34.91
N LEU B 235 -6.36 20.42 35.57
CA LEU B 235 -5.90 21.29 36.62
C LEU B 235 -6.36 20.61 37.93
N PRO B 236 -5.46 19.91 38.67
CA PRO B 236 -5.92 19.22 39.90
C PRO B 236 -6.47 20.21 40.93
N ILE B 237 -7.67 19.92 41.47
CA ILE B 237 -8.37 20.76 42.41
C ILE B 237 -7.75 20.61 43.81
N ARG B 238 -7.10 19.45 44.08
CA ARG B 238 -6.47 19.14 45.37
C ARG B 238 -5.24 18.24 45.15
N ARG B 239 -4.32 18.24 46.15
CA ARG B 239 -3.07 17.46 46.21
C ARG B 239 -3.36 15.93 46.20
N ASP B 240 -2.30 15.09 46.09
CA ASP B 240 -2.44 13.63 46.13
C ASP B 240 -2.22 13.09 47.54
N SER B 241 -3.08 12.12 47.98
CA SER B 241 -3.07 11.43 49.29
C SER B 241 -2.92 12.43 50.48
N GLU C 4 27.94 -3.81 43.84
CA GLU C 4 27.42 -2.56 43.25
C GLU C 4 26.72 -2.83 41.88
N LYS C 5 25.49 -2.33 41.71
CA LYS C 5 24.68 -2.54 40.51
C LYS C 5 24.13 -1.23 39.90
N TRP C 6 24.48 -0.97 38.61
CA TRP C 6 24.04 0.16 37.80
C TRP C 6 23.24 -0.33 36.59
N THR C 7 22.05 0.24 36.35
CA THR C 7 21.17 -0.16 35.24
C THR C 7 21.16 0.88 34.12
N SER C 8 21.51 0.42 32.90
CA SER C 8 21.46 1.22 31.69
C SER C 8 20.22 0.82 30.93
N THR C 9 19.48 1.79 30.43
CA THR C 9 18.24 1.54 29.71
C THR C 9 18.26 2.19 28.32
N ALA C 10 17.63 1.51 27.37
CA ALA C 10 17.44 1.95 25.99
C ALA C 10 16.03 1.60 25.57
N ILE C 11 15.44 2.40 24.67
CA ILE C 11 14.13 2.11 24.12
C ILE C 11 14.30 1.99 22.62
N ILE C 12 13.92 0.85 22.08
CA ILE C 12 14.02 0.57 20.66
C ILE C 12 12.63 0.24 20.14
N THR C 13 12.44 0.43 18.84
CA THR C 13 11.19 0.10 18.13
C THR C 13 11.55 -0.38 16.73
N GLN C 14 10.54 -0.65 15.89
CA GLN C 14 10.71 -1.12 14.53
C GLN C 14 11.54 -0.11 13.71
N PRO C 15 12.33 -0.57 12.73
CA PRO C 15 13.09 0.39 11.92
C PRO C 15 12.21 1.24 11.00
N ASP C 16 12.75 2.38 10.56
CA ASP C 16 12.07 3.30 9.65
C ASP C 16 12.07 2.75 8.26
N VAL C 17 11.15 3.26 7.41
CA VAL C 17 11.07 2.90 5.99
C VAL C 17 12.40 3.25 5.31
N GLY C 18 13.06 4.32 5.73
CA GLY C 18 14.36 4.72 5.19
C GLY C 18 15.44 3.70 5.45
N GLN C 19 15.45 3.14 6.68
CA GLN C 19 16.39 2.11 7.12
C GLN C 19 16.16 0.78 6.37
N ILE C 20 14.92 0.55 5.91
CA ILE C 20 14.44 -0.68 5.30
C ILE C 20 14.29 -0.64 3.76
N ALA C 21 14.28 0.57 3.17
CA ALA C 21 14.06 0.87 1.75
C ALA C 21 14.77 -0.09 0.78
N GLY C 22 16.04 -0.41 1.05
CA GLY C 22 16.86 -1.31 0.25
C GLY C 22 16.36 -2.74 0.23
N TYR C 23 16.06 -3.32 1.41
CA TYR C 23 15.53 -4.68 1.53
C TYR C 23 14.15 -4.72 0.90
N ASN C 24 13.32 -3.67 1.13
CA ASN C 24 11.99 -3.63 0.57
C ASN C 24 12.05 -3.55 -0.95
N ASN C 25 13.00 -2.77 -1.49
CA ASN C 25 13.15 -2.68 -2.94
C ASN C 25 13.61 -4.02 -3.55
N ALA C 26 14.55 -4.68 -2.88
CA ALA C 26 15.05 -5.99 -3.29
C ALA C 26 13.93 -7.01 -3.36
N MET C 27 13.07 -7.00 -2.33
CA MET C 27 11.90 -7.88 -2.21
C MET C 27 10.85 -7.61 -3.31
N ASN C 28 10.69 -6.35 -3.71
CA ASN C 28 9.77 -5.99 -4.79
C ASN C 28 10.35 -6.44 -6.15
N VAL C 29 11.68 -6.36 -6.31
CA VAL C 29 12.35 -6.78 -7.55
C VAL C 29 12.22 -8.32 -7.73
N ILE C 30 12.42 -9.09 -6.64
CA ILE C 30 12.30 -10.56 -6.68
C ILE C 30 10.81 -11.01 -6.80
N TYR C 31 9.89 -10.45 -5.95
CA TYR C 31 8.51 -10.92 -5.84
C TYR C 31 7.42 -10.06 -6.46
N GLY C 32 7.73 -8.83 -6.85
CA GLY C 32 6.74 -7.95 -7.46
C GLY C 32 5.60 -7.63 -6.53
N GLN C 33 4.36 -7.91 -6.96
CA GLN C 33 3.14 -7.66 -6.19
C GLN C 33 3.05 -8.59 -4.98
N ALA C 34 3.64 -9.81 -5.09
CA ALA C 34 3.68 -10.81 -4.03
C ALA C 34 4.66 -10.43 -2.87
N ALA C 35 5.44 -9.34 -3.05
CA ALA C 35 6.38 -8.85 -2.04
C ALA C 35 5.63 -8.30 -0.81
N PRO C 36 6.16 -8.49 0.43
CA PRO C 36 5.41 -8.00 1.61
C PRO C 36 5.37 -6.47 1.69
N LYS C 37 4.28 -5.92 2.26
CA LYS C 37 4.09 -4.49 2.47
C LYS C 37 5.23 -3.97 3.39
N VAL C 38 5.67 -2.71 3.20
CA VAL C 38 6.78 -2.11 3.94
C VAL C 38 6.55 -2.23 5.47
N SER C 39 5.29 -2.03 5.93
CA SER C 39 4.90 -2.13 7.35
C SER C 39 5.05 -3.56 7.88
N ASP C 40 4.83 -4.58 7.03
CA ASP C 40 4.98 -5.99 7.38
C ASP C 40 6.46 -6.34 7.56
N LEU C 41 7.35 -5.77 6.72
CA LEU C 41 8.80 -5.98 6.81
C LEU C 41 9.36 -5.38 8.11
N GLN C 42 8.89 -4.17 8.47
CA GLN C 42 9.25 -3.45 9.71
C GLN C 42 8.94 -4.31 10.95
N GLU C 43 7.75 -4.93 10.97
CA GLU C 43 7.29 -5.79 12.05
C GLU C 43 8.07 -7.09 12.10
N THR C 44 8.43 -7.61 10.94
CA THR C 44 9.19 -8.84 10.79
C THR C 44 10.57 -8.66 11.41
N LEU C 45 11.22 -7.51 11.12
CA LEU C 45 12.56 -7.21 11.58
C LEU C 45 12.65 -6.99 13.08
N ILE C 46 11.74 -6.16 13.66
CA ILE C 46 11.76 -5.91 15.10
C ILE C 46 11.42 -7.22 15.88
N GLY C 47 10.60 -8.08 15.27
CA GLY C 47 10.26 -9.39 15.82
C GLY C 47 11.48 -10.30 15.85
N ARG C 48 12.24 -10.34 14.71
CA ARG C 48 13.48 -11.11 14.58
C ARG C 48 14.52 -10.63 15.62
N PHE C 49 14.55 -9.30 15.85
CA PHE C 49 15.45 -8.65 16.81
C PHE C 49 15.05 -8.97 18.27
N SER C 50 13.76 -8.91 18.58
CA SER C 50 13.22 -9.17 19.90
C SER C 50 13.43 -10.64 20.31
N SER C 51 13.13 -11.58 19.38
CA SER C 51 13.26 -13.04 19.59
C SER C 51 14.75 -13.42 19.76
N ALA C 52 15.65 -12.80 18.96
CA ALA C 52 17.10 -13.02 19.06
C ALA C 52 17.59 -12.47 20.41
N PHE C 53 17.15 -11.27 20.82
CA PHE C 53 17.49 -10.70 22.13
C PHE C 53 17.01 -11.61 23.28
N SER C 54 15.78 -12.15 23.18
CA SER C 54 15.16 -13.00 24.22
C SER C 54 15.87 -14.34 24.41
N ALA C 55 16.52 -14.83 23.34
CA ALA C 55 17.24 -16.09 23.31
C ALA C 55 18.77 -15.90 23.43
N LEU C 56 19.23 -14.77 24.05
CA LEU C 56 20.65 -14.44 24.17
C LEU C 56 21.50 -15.54 24.89
N PRO C 57 21.24 -16.05 26.13
CA PRO C 57 20.17 -15.74 27.09
C PRO C 57 20.63 -14.84 28.25
N LYS C 68 23.09 -9.85 33.22
CA LYS C 68 21.63 -9.90 33.22
C LYS C 68 21.04 -8.76 32.37
N LEU C 69 20.38 -9.12 31.26
CA LEU C 69 19.69 -8.13 30.44
C LEU C 69 18.18 -8.36 30.48
N THR C 70 17.40 -7.36 30.08
CA THR C 70 15.94 -7.38 30.09
C THR C 70 15.43 -6.80 28.79
N ILE C 71 14.30 -7.35 28.29
CA ILE C 71 13.57 -6.88 27.11
C ILE C 71 12.05 -6.99 27.46
N GLU C 72 11.40 -5.82 27.59
CA GLU C 72 9.99 -5.69 27.94
C GLU C 72 9.30 -4.61 27.13
N PRO C 73 7.96 -4.67 26.88
CA PRO C 73 7.30 -3.53 26.22
C PRO C 73 7.37 -2.30 27.13
N SER C 74 7.67 -1.11 26.55
CA SER C 74 7.77 0.17 27.28
C SER C 74 6.42 0.62 27.86
N VAL C 75 5.32 0.38 27.14
CA VAL C 75 3.98 0.72 27.57
C VAL C 75 3.21 -0.59 27.68
N LYS C 76 2.54 -0.83 28.83
CA LYS C 76 1.75 -2.04 29.07
C LYS C 76 0.69 -2.22 27.98
N ASN C 77 0.53 -3.48 27.49
CA ASN C 77 -0.41 -3.91 26.44
C ASN C 77 -0.11 -3.31 25.06
N GLN C 78 1.08 -2.73 24.90
CA GLN C 78 1.56 -2.18 23.64
C GLN C 78 2.76 -3.01 23.19
N GLN C 79 2.71 -3.58 21.98
CA GLN C 79 3.79 -4.42 21.45
C GLN C 79 5.08 -3.62 21.28
N LEU C 80 4.93 -2.38 20.78
CA LEU C 80 6.06 -1.47 20.58
C LEU C 80 5.84 -0.15 21.31
N PRO C 81 6.90 0.51 21.82
CA PRO C 81 8.32 0.15 21.71
C PRO C 81 8.77 -0.84 22.80
N LEU C 82 10.04 -1.25 22.72
CA LEU C 82 10.61 -2.19 23.67
C LEU C 82 11.70 -1.51 24.47
N THR C 83 11.68 -1.76 25.78
CA THR C 83 12.66 -1.26 26.74
C THR C 83 13.70 -2.38 27.00
N VAL C 84 14.95 -2.06 26.71
CA VAL C 84 16.06 -2.99 26.91
C VAL C 84 16.90 -2.45 28.06
N SER C 85 17.30 -3.35 28.95
CA SER C 85 18.05 -2.98 30.14
C SER C 85 19.22 -3.90 30.37
N TYR C 86 20.28 -3.35 30.95
CA TYR C 86 21.47 -4.09 31.36
C TYR C 86 21.97 -3.61 32.71
N VAL C 87 22.30 -4.57 33.59
CA VAL C 87 22.85 -4.29 34.92
C VAL C 87 24.37 -4.53 34.87
N GLY C 88 25.12 -3.44 34.99
CA GLY C 88 26.58 -3.48 34.98
C GLY C 88 27.20 -3.18 36.33
N GLN C 89 28.54 -3.10 36.39
CA GLN C 89 29.29 -2.79 37.61
C GLN C 89 29.46 -1.28 37.77
N THR C 90 29.45 -0.53 36.64
CA THR C 90 29.56 0.92 36.62
C THR C 90 28.56 1.48 35.60
N ALA C 91 28.29 2.80 35.67
CA ALA C 91 27.35 3.51 34.80
C ALA C 91 27.84 3.50 33.35
N GLU C 92 29.17 3.67 33.16
CA GLU C 92 29.84 3.71 31.86
C GLU C 92 29.90 2.32 31.22
N GLY C 93 30.22 1.30 32.03
CA GLY C 93 30.29 -0.10 31.63
C GLY C 93 28.93 -0.67 31.26
N ALA C 94 27.90 -0.40 32.09
CA ALA C 94 26.54 -0.86 31.86
C ALA C 94 26.01 -0.28 30.54
N GLN C 95 26.26 1.02 30.29
CA GLN C 95 25.84 1.72 29.07
C GLN C 95 26.55 1.11 27.85
N MET C 96 27.86 0.95 27.94
CA MET C 96 28.72 0.36 26.92
C MET C 96 28.27 -1.06 26.54
N LYS C 97 28.10 -1.92 27.57
CA LYS C 97 27.70 -3.32 27.38
C LYS C 97 26.28 -3.42 26.77
N LEU C 98 25.34 -2.52 27.16
CA LEU C 98 24.00 -2.53 26.58
C LEU C 98 24.05 -2.20 25.05
N ALA C 99 24.78 -1.13 24.68
CA ALA C 99 24.96 -0.73 23.29
C ALA C 99 25.62 -1.88 22.47
N GLN C 100 26.60 -2.58 23.09
CA GLN C 100 27.31 -3.70 22.47
C GLN C 100 26.35 -4.87 22.22
N TYR C 101 25.53 -5.23 23.22
CA TYR C 101 24.55 -6.32 23.09
C TYR C 101 23.48 -5.99 22.05
N ILE C 102 23.09 -4.70 21.92
CA ILE C 102 22.12 -4.27 20.92
C ILE C 102 22.74 -4.44 19.52
N GLN C 103 24.05 -4.09 19.37
CA GLN C 103 24.80 -4.19 18.11
C GLN C 103 24.99 -5.66 17.71
N GLN C 104 25.31 -6.50 18.69
CA GLN C 104 25.52 -7.94 18.55
C GLN C 104 24.27 -8.60 17.97
N VAL C 105 23.06 -8.26 18.52
CA VAL C 105 21.75 -8.77 18.08
C VAL C 105 21.48 -8.22 16.66
N ASP C 106 21.71 -6.91 16.46
CA ASP C 106 21.55 -6.23 15.18
C ASP C 106 22.32 -6.96 14.09
N ASP C 107 23.56 -7.38 14.38
CA ASP C 107 24.40 -8.10 13.44
C ASP C 107 23.91 -9.53 13.19
N LYS C 108 23.47 -10.27 14.23
CA LYS C 108 22.94 -11.64 14.04
C LYS C 108 21.74 -11.59 13.10
N VAL C 109 20.86 -10.60 13.29
CA VAL C 109 19.64 -10.41 12.49
C VAL C 109 20.03 -9.98 11.06
N ASN C 110 21.02 -9.10 10.93
CA ASN C 110 21.53 -8.67 9.62
C ASN C 110 22.13 -9.86 8.86
N GLN C 111 22.80 -10.79 9.57
CA GLN C 111 23.36 -11.98 8.96
C GLN C 111 22.25 -12.94 8.49
N GLU C 112 21.20 -13.13 9.30
CA GLU C 112 20.13 -14.06 8.94
C GLU C 112 19.27 -13.48 7.81
N LEU C 113 19.31 -12.12 7.64
CA LEU C 113 18.68 -11.39 6.54
C LEU C 113 19.49 -11.50 5.26
N GLU C 114 20.82 -11.54 5.38
CA GLU C 114 21.73 -11.69 4.24
C GLU C 114 21.49 -13.06 3.62
N LYS C 115 21.35 -14.12 4.46
CA LYS C 115 21.12 -15.49 4.00
C LYS C 115 19.78 -15.62 3.30
N ASP C 116 18.69 -15.15 3.95
CA ASP C 116 17.34 -15.29 3.41
C ASP C 116 17.21 -14.61 2.07
N LEU C 117 17.77 -13.37 1.92
CA LEU C 117 17.73 -12.61 0.66
C LEU C 117 18.47 -13.34 -0.47
N LYS C 118 19.69 -13.86 -0.21
CA LYS C 118 20.44 -14.58 -1.25
C LYS C 118 19.72 -15.88 -1.64
N ASP C 119 19.02 -16.54 -0.70
CA ASP C 119 18.24 -17.74 -0.97
C ASP C 119 17.04 -17.41 -1.86
N ASN C 120 16.40 -16.25 -1.63
CA ASN C 120 15.24 -15.74 -2.37
C ASN C 120 15.67 -15.32 -3.75
N ILE C 121 16.86 -14.72 -3.88
CA ILE C 121 17.44 -14.29 -5.15
C ILE C 121 17.72 -15.56 -5.99
N ALA C 122 18.30 -16.60 -5.37
CA ALA C 122 18.63 -17.88 -6.02
C ALA C 122 17.36 -18.59 -6.53
N LEU C 123 16.29 -18.59 -5.74
CA LEU C 123 14.99 -19.18 -6.07
C LEU C 123 14.35 -18.42 -7.24
N GLY C 124 14.50 -17.10 -7.20
CA GLY C 124 14.02 -16.15 -8.20
C GLY C 124 14.72 -16.36 -9.51
N ARG C 125 16.07 -16.29 -9.49
CA ARG C 125 16.96 -16.52 -10.63
C ARG C 125 16.65 -17.83 -11.33
N LYS C 126 16.57 -18.94 -10.55
CA LYS C 126 16.30 -20.29 -11.05
C LYS C 126 14.98 -20.37 -11.78
N ASN C 127 13.86 -20.00 -11.12
CA ASN C 127 12.53 -20.06 -11.76
C ASN C 127 12.48 -19.26 -13.06
N LEU C 128 13.10 -18.07 -13.09
CA LEU C 128 13.12 -17.18 -14.25
C LEU C 128 13.98 -17.75 -15.38
N GLN C 129 15.14 -18.37 -15.07
CA GLN C 129 16.03 -18.98 -16.07
C GLN C 129 15.38 -20.22 -16.66
N ASP C 130 14.64 -20.99 -15.85
CA ASP C 130 13.89 -22.18 -16.25
C ASP C 130 12.77 -21.78 -17.21
N SER C 131 12.10 -20.65 -16.93
CA SER C 131 11.02 -20.07 -17.72
C SER C 131 11.56 -19.60 -19.08
N LEU C 132 12.69 -18.85 -19.09
CA LEU C 132 13.30 -18.35 -20.34
C LEU C 132 13.77 -19.48 -21.26
N ARG C 133 14.45 -20.49 -20.68
CA ARG C 133 14.97 -21.67 -21.36
C ARG C 133 13.86 -22.41 -22.09
N THR C 134 12.77 -22.73 -21.36
CA THR C 134 11.59 -23.41 -21.88
C THR C 134 11.02 -22.65 -23.08
N GLN C 135 10.87 -21.30 -22.95
CA GLN C 135 10.30 -20.43 -23.98
C GLN C 135 11.20 -20.35 -25.20
N GLU C 136 12.53 -20.43 -24.98
CA GLU C 136 13.54 -20.41 -26.05
C GLU C 136 13.49 -21.72 -26.84
N VAL C 137 13.38 -22.87 -26.13
CA VAL C 137 13.29 -24.19 -26.75
C VAL C 137 12.01 -24.24 -27.65
N VAL C 138 10.86 -23.84 -27.09
CA VAL C 138 9.56 -23.79 -27.75
C VAL C 138 9.63 -22.91 -29.00
N ALA C 139 10.16 -21.68 -28.88
CA ALA C 139 10.26 -20.73 -30.00
C ALA C 139 11.10 -21.26 -31.16
N GLN C 140 12.16 -22.02 -30.83
CA GLN C 140 13.04 -22.62 -31.82
C GLN C 140 12.36 -23.79 -32.52
N GLU C 141 11.66 -24.66 -31.73
CA GLU C 141 10.91 -25.82 -32.23
C GLU C 141 9.77 -25.37 -33.14
N GLN C 142 9.13 -24.23 -32.81
CA GLN C 142 8.06 -23.64 -33.62
C GLN C 142 8.62 -23.10 -34.93
N LYS C 143 9.80 -22.42 -34.89
CA LYS C 143 10.49 -21.94 -36.07
C LYS C 143 10.88 -23.11 -36.95
N ASP C 144 11.46 -24.18 -36.34
CA ASP C 144 11.89 -25.38 -37.06
C ASP C 144 10.73 -26.08 -37.78
N LEU C 145 9.59 -26.23 -37.09
CA LEU C 145 8.40 -26.85 -37.63
C LEU C 145 7.87 -26.02 -38.81
N ARG C 146 7.68 -24.70 -38.62
CA ARG C 146 7.22 -23.78 -39.65
C ARG C 146 8.12 -23.86 -40.89
N ILE C 147 9.47 -23.99 -40.72
CA ILE C 147 10.43 -24.15 -41.82
C ILE C 147 10.15 -25.46 -42.58
N ARG C 148 9.96 -26.59 -41.88
CA ARG C 148 9.59 -27.86 -42.50
C ARG C 148 8.30 -27.70 -43.30
N GLN C 149 7.31 -26.98 -42.73
CA GLN C 149 6.01 -26.69 -43.35
C GLN C 149 6.18 -25.86 -44.59
N ILE C 150 7.09 -24.85 -44.58
CA ILE C 150 7.41 -24.01 -45.73
C ILE C 150 8.12 -24.89 -46.80
N GLN C 151 9.03 -25.79 -46.38
CA GLN C 151 9.72 -26.70 -47.30
C GLN C 151 8.74 -27.65 -48.00
N GLU C 152 7.76 -28.16 -47.25
CA GLU C 152 6.75 -29.08 -47.75
C GLU C 152 5.82 -28.37 -48.74
N ALA C 153 5.39 -27.14 -48.38
CA ALA C 153 4.52 -26.26 -49.16
C ALA C 153 5.18 -25.84 -50.46
N LEU C 154 6.51 -25.68 -50.46
CA LEU C 154 7.27 -25.33 -51.68
C LEU C 154 7.19 -26.46 -52.68
N GLN C 155 7.18 -27.72 -52.22
CA GLN C 155 7.09 -28.86 -53.12
C GLN C 155 5.70 -28.90 -53.77
N TYR C 156 4.67 -28.61 -52.97
CA TYR C 156 3.29 -28.52 -53.43
C TYR C 156 3.12 -27.37 -54.46
N ALA C 157 3.66 -26.16 -54.15
CA ALA C 157 3.60 -24.96 -55.00
C ALA C 157 4.24 -25.24 -56.35
N ASN C 158 5.36 -25.99 -56.36
CA ASN C 158 6.07 -26.35 -57.59
C ASN C 158 5.27 -27.34 -58.44
N GLN C 159 4.65 -28.35 -57.79
CA GLN C 159 3.84 -29.38 -58.46
C GLN C 159 2.62 -28.76 -59.12
N ALA C 160 1.96 -27.88 -58.38
CA ALA C 160 0.74 -27.18 -58.73
C ALA C 160 1.00 -25.94 -59.59
N GLN C 161 2.27 -25.54 -59.78
CA GLN C 161 2.70 -24.39 -60.57
C GLN C 161 2.08 -23.08 -60.02
N VAL C 162 2.12 -22.91 -58.68
CA VAL C 162 1.65 -21.73 -57.93
C VAL C 162 2.94 -20.93 -57.66
N THR C 163 3.27 -19.97 -58.53
CA THR C 163 4.55 -19.23 -58.44
C THR C 163 4.39 -17.90 -57.67
N LYS C 164 3.31 -17.17 -57.99
CA LYS C 164 2.97 -15.91 -57.35
C LYS C 164 1.93 -16.19 -56.25
N PRO C 165 1.78 -15.30 -55.22
CA PRO C 165 0.75 -15.56 -54.20
C PRO C 165 -0.66 -15.68 -54.78
N GLN C 166 -1.49 -16.56 -54.20
CA GLN C 166 -2.89 -16.72 -54.57
C GLN C 166 -3.73 -16.59 -53.28
N VAL C 167 -3.58 -15.42 -52.62
CA VAL C 167 -4.27 -15.08 -51.38
C VAL C 167 -5.25 -13.93 -51.65
N GLN C 168 -6.52 -14.13 -51.25
CA GLN C 168 -7.61 -13.15 -51.35
C GLN C 168 -7.90 -12.62 -49.95
N GLN C 169 -7.86 -13.53 -48.96
CA GLN C 169 -8.07 -13.28 -47.54
C GLN C 169 -6.92 -13.93 -46.81
N THR C 170 -6.22 -13.21 -45.91
CA THR C 170 -5.05 -13.74 -45.20
C THR C 170 -5.39 -14.92 -44.28
N GLU C 171 -6.64 -14.98 -43.79
CA GLU C 171 -7.14 -16.03 -42.90
C GLU C 171 -7.04 -17.39 -43.58
N ASP C 172 -7.08 -17.40 -44.95
CA ASP C 172 -6.97 -18.59 -45.81
C ASP C 172 -5.61 -19.24 -45.63
N VAL C 173 -4.57 -18.44 -45.33
CA VAL C 173 -3.21 -18.89 -45.12
C VAL C 173 -3.05 -19.42 -43.71
N THR C 174 -2.64 -20.69 -43.63
CA THR C 174 -2.41 -21.45 -42.40
C THR C 174 -1.18 -22.30 -42.59
N GLN C 175 -0.82 -23.06 -41.53
CA GLN C 175 0.33 -23.97 -41.54
C GLN C 175 0.16 -25.08 -42.59
N ASP C 176 -1.11 -25.39 -42.97
CA ASP C 176 -1.44 -26.39 -43.98
C ASP C 176 -1.71 -25.81 -45.40
N THR C 177 -1.89 -24.48 -45.56
CA THR C 177 -2.19 -23.84 -46.88
C THR C 177 -1.11 -22.81 -47.27
N LEU C 178 0.07 -22.96 -46.69
CA LEU C 178 1.22 -22.07 -46.95
C LEU C 178 1.63 -21.97 -48.44
N PHE C 179 1.32 -23.01 -49.26
CA PHE C 179 1.66 -23.08 -50.69
C PHE C 179 0.94 -21.99 -51.47
N LEU C 180 -0.13 -21.42 -50.88
CA LEU C 180 -0.91 -20.32 -51.46
C LEU C 180 -0.06 -19.06 -51.59
N LEU C 181 1.06 -18.97 -50.87
CA LEU C 181 1.97 -17.83 -50.90
C LEU C 181 2.84 -17.82 -52.17
N GLY C 182 2.88 -18.95 -52.88
CA GLY C 182 3.62 -19.10 -54.13
C GLY C 182 5.04 -19.59 -53.92
N SER C 183 5.60 -20.34 -54.88
CA SER C 183 6.95 -20.90 -54.80
C SER C 183 8.05 -19.83 -54.65
N GLU C 184 7.86 -18.65 -55.27
CA GLU C 184 8.82 -17.56 -55.24
C GLU C 184 9.07 -17.02 -53.81
N ALA C 185 8.01 -16.70 -53.09
CA ALA C 185 8.14 -16.19 -51.72
C ALA C 185 8.57 -17.33 -50.81
N LEU C 186 8.06 -18.58 -51.01
CA LEU C 186 8.43 -19.73 -50.19
C LEU C 186 9.92 -20.01 -50.27
N GLU C 187 10.51 -19.90 -51.49
CA GLU C 187 11.97 -20.10 -51.69
C GLU C 187 12.75 -19.09 -50.89
N SER C 188 12.27 -17.82 -50.95
CA SER C 188 12.86 -16.69 -50.22
C SER C 188 12.83 -16.95 -48.70
N MET C 189 11.74 -17.53 -48.19
CA MET C 189 11.58 -17.85 -46.76
C MET C 189 12.60 -18.89 -46.33
N ILE C 190 12.88 -19.87 -47.21
CA ILE C 190 13.84 -20.95 -46.94
C ILE C 190 15.25 -20.39 -47.00
N LYS C 191 15.53 -19.61 -48.03
CA LYS C 191 16.84 -18.99 -48.26
C LYS C 191 17.20 -18.08 -47.08
N HIS C 192 16.19 -17.38 -46.51
CA HIS C 192 16.43 -16.42 -45.46
C HIS C 192 16.09 -16.90 -44.03
N GLU C 193 15.94 -18.24 -43.85
CA GLU C 193 15.62 -18.90 -42.59
C GLU C 193 16.43 -18.38 -41.39
N ALA C 194 17.75 -18.24 -41.56
CA ALA C 194 18.64 -17.88 -40.46
C ALA C 194 18.26 -16.56 -39.81
N THR C 195 17.84 -15.59 -40.64
CA THR C 195 17.53 -14.25 -40.15
C THR C 195 16.05 -14.08 -39.79
N ARG C 196 15.26 -15.16 -39.83
CA ARG C 196 13.85 -15.10 -39.43
C ARG C 196 13.80 -15.01 -37.90
N PRO C 197 13.24 -13.92 -37.32
CA PRO C 197 13.27 -13.82 -35.86
C PRO C 197 12.45 -14.89 -35.13
N LEU C 198 12.96 -15.29 -33.93
CA LEU C 198 12.22 -16.15 -33.01
C LEU C 198 11.08 -15.33 -32.39
N VAL C 199 9.90 -15.95 -32.23
CA VAL C 199 8.72 -15.32 -31.66
C VAL C 199 8.51 -15.99 -30.32
N PHE C 200 8.51 -15.21 -29.24
CA PHE C 200 8.41 -15.73 -27.88
C PHE C 200 7.06 -15.51 -27.23
N SER C 201 6.73 -16.36 -26.20
CA SER C 201 5.47 -16.23 -25.43
C SER C 201 5.32 -14.79 -24.88
N PRO C 202 4.08 -14.23 -24.80
CA PRO C 202 3.91 -12.82 -24.38
C PRO C 202 4.86 -12.23 -23.30
N ASN C 203 5.15 -12.98 -22.22
CA ASN C 203 5.92 -12.49 -21.09
C ASN C 203 7.42 -12.73 -21.18
N TYR C 204 7.93 -13.27 -22.29
CA TYR C 204 9.35 -13.57 -22.41
C TYR C 204 10.28 -12.39 -22.09
N TYR C 205 10.08 -11.26 -22.77
CA TYR C 205 10.89 -10.05 -22.62
C TYR C 205 10.78 -9.48 -21.24
N GLN C 206 9.58 -9.54 -20.63
CA GLN C 206 9.34 -9.09 -19.26
C GLN C 206 10.17 -9.97 -18.32
N THR C 207 10.07 -11.31 -18.46
CA THR C 207 10.80 -12.32 -17.66
C THR C 207 12.30 -12.08 -17.74
N ARG C 208 12.82 -11.82 -18.97
CA ARG C 208 14.24 -11.58 -19.24
C ARG C 208 14.73 -10.28 -18.56
N GLN C 209 13.89 -9.24 -18.52
CA GLN C 209 14.22 -7.96 -17.91
C GLN C 209 14.22 -8.08 -16.40
N ASN C 210 13.22 -8.83 -15.85
CA ASN C 210 13.05 -9.11 -14.43
CA ASN C 210 13.05 -9.09 -14.42
C ASN C 210 14.30 -9.81 -13.89
N LEU C 211 14.85 -10.75 -14.69
CA LEU C 211 16.04 -11.52 -14.36
C LEU C 211 17.25 -10.60 -14.32
N LEU C 212 17.36 -9.64 -15.25
CA LEU C 212 18.44 -8.66 -15.32
C LEU C 212 18.46 -7.80 -14.07
N ASP C 213 17.27 -7.39 -13.59
CA ASP C 213 17.08 -6.54 -12.41
C ASP C 213 17.44 -7.27 -11.11
N ILE C 214 17.19 -8.60 -11.05
CA ILE C 214 17.51 -9.44 -9.90
C ILE C 214 19.04 -9.56 -9.78
N GLU C 215 19.74 -9.67 -10.91
CA GLU C 215 21.19 -9.76 -10.98
C GLU C 215 21.88 -8.48 -10.53
N LYS C 216 21.16 -7.34 -10.54
CA LYS C 216 21.65 -6.03 -10.12
C LYS C 216 21.62 -5.85 -8.59
N LEU C 217 20.89 -6.75 -7.88
CA LEU C 217 20.75 -6.69 -6.42
C LEU C 217 22.01 -7.14 -5.68
N LYS C 218 22.40 -6.41 -4.63
CA LYS C 218 23.57 -6.78 -3.82
C LYS C 218 23.34 -6.31 -2.39
N PHE C 219 23.34 -7.26 -1.42
CA PHE C 219 23.12 -7.03 0.02
C PHE C 219 23.98 -5.90 0.56
N ASP C 220 25.24 -5.80 0.12
CA ASP C 220 26.22 -4.79 0.56
C ASP C 220 25.76 -3.35 0.28
N ASP C 221 24.99 -3.15 -0.83
CA ASP C 221 24.46 -1.84 -1.19
C ASP C 221 23.40 -1.35 -0.17
N LEU C 222 22.56 -2.28 0.32
CA LEU C 222 21.50 -1.98 1.28
C LEU C 222 22.01 -2.14 2.73
N ASP C 223 22.21 -1.02 3.47
CA ASP C 223 22.69 -1.08 4.86
C ASP C 223 21.46 -1.16 5.78
N ILE C 224 20.89 -2.37 5.92
CA ILE C 224 19.64 -2.62 6.66
C ILE C 224 19.83 -2.72 8.19
N HIS C 225 18.87 -2.14 8.92
CA HIS C 225 18.75 -2.16 10.38
C HIS C 225 17.42 -2.79 10.79
N ALA C 226 17.45 -3.62 11.85
CA ALA C 226 16.30 -4.35 12.39
C ALA C 226 15.57 -3.58 13.48
N TYR C 227 16.10 -2.42 13.85
CA TYR C 227 15.53 -1.59 14.90
C TYR C 227 15.85 -0.11 14.66
N ARG C 228 15.29 0.71 15.53
CA ARG C 228 15.46 2.15 15.59
C ARG C 228 15.42 2.54 17.03
N TYR C 229 16.31 3.46 17.44
CA TYR C 229 16.35 3.98 18.79
C TYR C 229 15.32 5.03 19.02
N VAL C 230 14.58 4.88 20.11
CA VAL C 230 13.65 5.88 20.62
C VAL C 230 14.48 6.67 21.65
N MET C 231 15.27 5.93 22.45
CA MET C 231 16.19 6.40 23.48
C MET C 231 17.43 5.51 23.48
N LYS C 232 18.61 6.10 23.23
CA LYS C 232 19.89 5.36 23.22
C LYS C 232 20.25 4.91 24.64
N PRO C 233 21.14 3.89 24.85
CA PRO C 233 21.45 3.46 26.23
C PRO C 233 21.85 4.64 27.14
N THR C 234 21.15 4.75 28.27
CA THR C 234 21.38 5.82 29.25
C THR C 234 22.62 5.58 30.05
N LEU C 235 23.13 6.66 30.63
CA LEU C 235 24.21 6.66 31.60
C LEU C 235 23.54 6.87 32.97
N PRO C 236 23.34 5.79 33.76
CA PRO C 236 22.63 5.94 35.06
C PRO C 236 23.30 6.94 36.01
N ILE C 237 22.49 7.83 36.59
CA ILE C 237 22.93 8.89 37.50
C ILE C 237 23.20 8.29 38.91
N ARG C 238 22.54 7.17 39.24
CA ARG C 238 22.72 6.51 40.53
C ARG C 238 22.54 4.98 40.38
N ARG C 239 22.95 4.22 41.39
CA ARG C 239 22.83 2.78 41.37
C ARG C 239 21.45 2.35 41.88
N ASP C 240 21.05 1.09 41.60
CA ASP C 240 19.77 0.53 42.04
C ASP C 240 19.83 0.15 43.53
CL CL D . 1.91 -6.61 -57.61
MG MG E . 5.05 -2.95 -21.95
#